data_8GYE
#
_entry.id   8GYE
#
_cell.length_a   60.021
_cell.length_b   65.913
_cell.length_c   83.643
_cell.angle_alpha   90.000
_cell.angle_beta   82.495
_cell.angle_gamma   74.822
#
_symmetry.space_group_name_H-M   'P 1'
#
loop_
_entity.id
_entity.type
_entity.pdbx_description
1 polymer 'Tumor necrosis factor receptor superfamily member 9'
2 polymer 'ZG033 Fab H chain'
3 polymer 'ZG033 Fab L chain'
4 non-polymer 2-acetamido-2-deoxy-beta-D-glucopyranose
5 non-polymer GLYCEROL
6 water water
#
loop_
_entity_poly.entity_id
_entity_poly.type
_entity_poly.pdbx_seq_one_letter_code
_entity_poly.pdbx_strand_id
1 'polypeptide(L)'
;LQDPCSNCPAGTFCDNNRNQICSPCPPNSFSSAGGQRTCDICRQCKGVFRTRKECSSTSNAECDCTPGFHCLGAGCSMCE
QDCKQGQELTKKGCKDCCFGTFNDQKRGICRPWTNCSLDGKSVLVNGTKERDVVCGPSPADLSPGASSVTPPAPAREPGH
SPQLEGGGHHHHHH
;
A,D
2 'polypeptide(L)'
;QVQLQESGPGLVKPSETLSLTCTVSGSSLTSYGVHWVRQPPGKGLEGLGVIWPGGSTNYNSALMSRVTISKDNSKSQVSL
KMSSLTAADTAVYYCARVTGTWYFDVWGQGTTVTVSSASTKGPSVFPLAPCSRSTSESTAALGCLVKDYFPEPVTVSWNS
GALTSGVHTFPAVLQSSGLYSLSSVVTVPSSSLGTKTYTCNVDHKPSNTKVDKRVDDDDK
;
B,E
3 'polypeptide(L)'
;DIQMTQSPSSLSASLGDRVTISCSASQGISNYLNWYQQKPDGTVKLLIYYTSTLHSGVPSRFSGSGSGTDYTLTISSLQP
EDIATYYCQQYSKLPWTFGGGTKLEIKRTVAAPSVFIFPPSDEQLKSGTASVVCLLNNFYPREAKVQWKVDNALQSGNSQ
ESVTEQDSKDSTYSLSSTLTLSKADYEKHKVYACEVTHQGLSSPVTKSFNRGEC
;
C,F
#
loop_
_chem_comp.id
_chem_comp.type
_chem_comp.name
_chem_comp.formula
GOL non-polymer GLYCEROL 'C3 H8 O3'
NAG D-saccharide, beta linking 2-acetamido-2-deoxy-beta-D-glucopyranose 'C8 H15 N O6'
#
# COMPACT_ATOMS: atom_id res chain seq x y z
N GLN A 2 25.18 -5.41 -8.41
CA GLN A 2 25.35 -4.29 -7.50
C GLN A 2 24.20 -4.24 -6.49
N ASP A 3 23.08 -4.82 -6.86
CA ASP A 3 21.92 -4.91 -5.97
C ASP A 3 22.28 -5.78 -4.77
N PRO A 4 22.34 -5.24 -3.55
CA PRO A 4 22.72 -6.07 -2.40
C PRO A 4 21.76 -7.22 -2.14
N CYS A 5 20.49 -7.08 -2.52
CA CYS A 5 19.52 -8.15 -2.34
C CYS A 5 19.79 -9.33 -3.25
N SER A 6 20.59 -9.15 -4.30
CA SER A 6 20.92 -10.26 -5.20
C SER A 6 21.77 -11.32 -4.51
N ASN A 7 22.43 -10.97 -3.41
CA ASN A 7 23.26 -11.93 -2.68
C ASN A 7 22.46 -12.82 -1.74
N CYS A 8 21.16 -12.56 -1.55
CA CYS A 8 20.34 -13.36 -0.65
C CYS A 8 19.68 -14.48 -1.44
N PRO A 9 20.06 -15.74 -1.23
CA PRO A 9 19.51 -16.82 -2.05
C PRO A 9 18.20 -17.37 -1.51
N ALA A 10 17.68 -18.41 -2.17
CA ALA A 10 16.48 -19.07 -1.69
C ALA A 10 16.70 -19.60 -0.28
N GLY A 11 15.69 -19.41 0.58
CA GLY A 11 15.81 -19.70 1.99
C GLY A 11 16.06 -18.48 2.85
N THR A 12 16.41 -17.36 2.25
CA THR A 12 16.65 -16.12 2.96
C THR A 12 15.80 -15.01 2.34
N PHE A 13 15.68 -13.90 3.05
CA PHE A 13 15.03 -12.71 2.52
C PHE A 13 15.92 -11.50 2.79
N CYS A 14 15.74 -10.47 1.97
CA CYS A 14 16.56 -9.27 2.00
C CYS A 14 15.83 -8.14 2.71
N ASP A 15 16.55 -7.43 3.57
CA ASP A 15 16.03 -6.21 4.18
C ASP A 15 17.23 -5.33 4.55
N ASN A 16 17.37 -4.20 3.85
CA ASN A 16 18.55 -3.36 3.99
C ASN A 16 18.56 -2.51 5.25
N ASN A 17 17.50 -2.56 6.05
CA ASN A 17 17.47 -1.84 7.32
C ASN A 17 18.22 -2.55 8.43
N ARG A 18 18.90 -3.66 8.12
CA ARG A 18 19.59 -4.47 9.11
C ARG A 18 21.09 -4.48 8.85
N ASN A 19 21.85 -4.84 9.89
CA ASN A 19 23.29 -5.03 9.73
C ASN A 19 23.58 -6.20 8.80
N GLN A 20 22.96 -7.35 9.06
CA GLN A 20 23.01 -8.49 8.16
C GLN A 20 21.89 -8.33 7.14
N ILE A 21 22.26 -8.09 5.88
CA ILE A 21 21.28 -7.81 4.85
C ILE A 21 20.41 -9.04 4.61
N CYS A 22 21.02 -10.21 4.46
CA CYS A 22 20.28 -11.44 4.25
C CYS A 22 19.98 -12.10 5.59
N SER A 23 18.70 -12.39 5.81
CA SER A 23 18.25 -13.05 7.03
C SER A 23 17.50 -14.33 6.68
N PRO A 24 17.65 -15.38 7.48
CA PRO A 24 16.96 -16.64 7.17
C PRO A 24 15.45 -16.46 7.27
N CYS A 25 14.73 -17.13 6.38
CA CYS A 25 13.28 -17.11 6.45
C CYS A 25 12.82 -17.73 7.76
N PRO A 26 11.92 -17.09 8.50
CA PRO A 26 11.49 -17.64 9.79
C PRO A 26 10.84 -19.00 9.62
N PRO A 27 10.76 -19.79 10.69
CA PRO A 27 10.11 -21.11 10.58
C PRO A 27 8.68 -20.99 10.07
N ASN A 28 8.25 -22.02 9.35
CA ASN A 28 6.95 -22.05 8.68
C ASN A 28 6.85 -20.98 7.60
N SER A 29 7.99 -20.58 7.03
CA SER A 29 8.01 -19.71 5.88
C SER A 29 9.21 -20.07 5.00
N PHE A 30 9.15 -19.66 3.75
CA PHE A 30 10.16 -20.07 2.78
C PHE A 30 10.31 -19.00 1.70
N SER A 31 11.28 -19.23 0.82
CA SER A 31 11.45 -18.43 -0.39
C SER A 31 12.06 -19.32 -1.45
N SER A 32 11.30 -19.56 -2.53
CA SER A 32 11.73 -20.48 -3.58
C SER A 32 12.67 -19.84 -4.59
N ALA A 33 12.95 -18.55 -4.46
CA ALA A 33 13.89 -17.87 -5.34
C ALA A 33 14.66 -16.84 -4.54
N GLY A 34 15.86 -16.52 -5.02
CA GLY A 34 16.68 -15.53 -4.35
C GLY A 34 16.22 -14.10 -4.60
N GLY A 35 16.72 -13.19 -3.78
CA GLY A 35 16.42 -11.78 -3.93
C GLY A 35 15.10 -11.34 -3.36
N GLN A 36 14.34 -12.24 -2.73
CA GLN A 36 13.07 -11.87 -2.14
C GLN A 36 13.30 -10.97 -0.92
N ARG A 37 12.41 -10.00 -0.74
CA ARG A 37 12.41 -9.16 0.45
C ARG A 37 11.27 -9.51 1.40
N THR A 38 10.62 -10.65 1.17
CA THR A 38 9.69 -11.24 2.13
C THR A 38 9.70 -12.75 1.92
N CYS A 39 9.20 -13.47 2.92
CA CYS A 39 9.16 -14.92 2.89
C CYS A 39 7.73 -15.40 2.72
N ASP A 40 7.53 -16.35 1.81
CA ASP A 40 6.20 -16.94 1.62
C ASP A 40 5.87 -17.83 2.81
N ILE A 41 4.64 -17.70 3.32
CA ILE A 41 4.21 -18.51 4.45
C ILE A 41 3.80 -19.89 3.95
N CYS A 42 4.27 -20.93 4.66
CA CYS A 42 3.93 -22.30 4.27
C CYS A 42 2.43 -22.52 4.31
N ARG A 43 1.91 -23.17 3.28
CA ARG A 43 0.48 -23.39 3.15
C ARG A 43 0.03 -24.50 4.09
N GLN A 44 -1.26 -24.50 4.42
CA GLN A 44 -1.84 -25.41 5.38
C GLN A 44 -2.53 -26.57 4.67
N CYS A 45 -2.44 -27.75 5.26
CA CYS A 45 -3.14 -28.95 4.80
C CYS A 45 -3.98 -29.45 5.96
N LYS A 46 -5.20 -28.91 6.09
CA LYS A 46 -6.10 -29.24 7.18
C LYS A 46 -7.45 -29.63 6.60
N GLY A 47 -8.40 -29.93 7.49
CA GLY A 47 -9.70 -30.39 7.07
C GLY A 47 -9.63 -31.75 6.39
N VAL A 48 -10.10 -31.81 5.15
CA VAL A 48 -9.99 -33.04 4.37
C VAL A 48 -8.59 -33.26 3.80
N PHE A 49 -7.70 -32.29 3.94
CA PHE A 49 -6.36 -32.37 3.37
C PHE A 49 -5.35 -32.89 4.39
N ARG A 50 -4.24 -33.40 3.87
CA ARG A 50 -3.13 -33.90 4.67
C ARG A 50 -1.83 -33.41 4.04
N THR A 51 -0.84 -33.15 4.89
CA THR A 51 0.46 -32.70 4.40
C THR A 51 1.19 -33.87 3.75
N ARG A 52 1.32 -33.83 2.43
CA ARG A 52 2.08 -34.85 1.72
C ARG A 52 3.58 -34.59 1.82
N LYS A 53 4.02 -33.44 1.35
CA LYS A 53 5.42 -33.03 1.40
C LYS A 53 5.56 -31.85 2.36
N GLU A 54 6.41 -32.01 3.37
CA GLU A 54 6.63 -30.93 4.33
C GLU A 54 7.32 -29.75 3.66
N CYS A 55 6.95 -28.55 4.06
CA CYS A 55 7.59 -27.36 3.52
C CYS A 55 8.97 -27.17 4.16
N SER A 56 9.89 -26.69 3.36
CA SER A 56 11.26 -26.42 3.80
C SER A 56 11.52 -24.92 3.74
N SER A 57 12.76 -24.52 4.00
CA SER A 57 13.13 -23.11 3.89
C SER A 57 13.11 -22.62 2.45
N THR A 58 13.03 -23.52 1.46
CA THR A 58 13.12 -23.13 0.06
C THR A 58 11.97 -23.68 -0.79
N SER A 59 10.97 -24.32 -0.18
CA SER A 59 9.89 -24.90 -0.96
C SER A 59 8.62 -24.97 -0.13
N ASN A 60 7.49 -24.85 -0.80
CA ASN A 60 6.19 -24.89 -0.14
C ASN A 60 5.77 -26.33 0.15
N ALA A 61 4.86 -26.47 1.11
CA ALA A 61 4.26 -27.76 1.38
C ALA A 61 3.20 -28.09 0.33
N GLU A 62 3.03 -29.38 0.07
CA GLU A 62 1.98 -29.86 -0.81
C GLU A 62 1.01 -30.71 -0.01
N CYS A 63 -0.27 -30.68 -0.42
CA CYS A 63 -1.33 -31.37 0.29
C CYS A 63 -1.86 -32.52 -0.55
N ASP A 64 -1.94 -33.70 0.05
CA ASP A 64 -2.80 -34.77 -0.45
C ASP A 64 -4.05 -34.81 0.44
N CYS A 65 -4.89 -35.81 0.24
CA CYS A 65 -6.13 -35.90 1.00
C CYS A 65 -5.95 -36.75 2.24
N THR A 66 -6.75 -36.44 3.27
CA THR A 66 -6.73 -37.22 4.49
C THR A 66 -7.20 -38.64 4.19
N PRO A 67 -6.74 -39.63 4.97
CA PRO A 67 -7.16 -41.02 4.70
C PRO A 67 -8.67 -41.17 4.67
N GLY A 68 -9.16 -41.90 3.68
CA GLY A 68 -10.57 -41.99 3.40
C GLY A 68 -11.05 -41.10 2.28
N PHE A 69 -10.16 -40.26 1.74
CA PHE A 69 -10.49 -39.35 0.65
C PHE A 69 -9.42 -39.46 -0.43
N HIS A 70 -9.80 -39.10 -1.66
CA HIS A 70 -8.89 -39.14 -2.80
C HIS A 70 -8.88 -37.79 -3.50
N CYS A 71 -7.77 -37.51 -4.18
CA CYS A 71 -7.61 -36.24 -4.86
C CYS A 71 -8.54 -36.15 -6.07
N LEU A 72 -8.99 -34.92 -6.34
CA LEU A 72 -9.78 -34.62 -7.52
C LEU A 72 -9.36 -33.25 -8.05
N GLY A 73 -9.24 -33.14 -9.36
CA GLY A 73 -8.78 -31.91 -9.97
C GLY A 73 -7.27 -31.83 -10.03
N ALA A 74 -6.79 -30.80 -10.73
CA ALA A 74 -5.35 -30.62 -10.91
C ALA A 74 -4.69 -30.22 -9.60
N GLY A 75 -3.52 -30.81 -9.34
CA GLY A 75 -2.77 -30.49 -8.13
C GLY A 75 -3.49 -30.81 -6.85
N CYS A 76 -4.38 -31.81 -6.86
CA CYS A 76 -5.20 -32.16 -5.71
C CYS A 76 -5.95 -30.94 -5.17
N SER A 77 -6.68 -30.28 -6.07
CA SER A 77 -7.38 -29.05 -5.70
C SER A 77 -8.43 -29.32 -4.63
N MET A 78 -9.20 -30.39 -4.76
CA MET A 78 -10.22 -30.75 -3.79
C MET A 78 -10.14 -32.24 -3.52
N CYS A 79 -10.88 -32.68 -2.52
CA CYS A 79 -10.89 -34.09 -2.10
C CYS A 79 -12.30 -34.63 -2.18
N GLU A 80 -12.40 -35.93 -2.48
CA GLU A 80 -13.67 -36.63 -2.62
C GLU A 80 -13.63 -37.90 -1.79
N GLN A 81 -14.73 -38.20 -1.12
CA GLN A 81 -14.76 -39.31 -0.19
C GLN A 81 -14.62 -40.65 -0.90
N ASP A 82 -13.84 -41.54 -0.32
CA ASP A 82 -13.70 -42.88 -0.86
C ASP A 82 -14.96 -43.72 -0.59
N CYS A 83 -15.11 -44.79 -1.37
CA CYS A 83 -16.06 -45.83 -1.07
C CYS A 83 -15.35 -47.17 -1.18
N LYS A 84 -15.98 -48.21 -0.64
CA LYS A 84 -15.41 -49.54 -0.77
C LYS A 84 -15.53 -50.02 -2.21
N GLN A 85 -14.71 -51.03 -2.55
CA GLN A 85 -14.85 -51.66 -3.86
C GLN A 85 -16.22 -52.30 -3.97
N GLY A 86 -16.81 -52.22 -5.16
CA GLY A 86 -18.18 -52.65 -5.35
C GLY A 86 -19.21 -51.61 -4.97
N GLN A 87 -18.79 -50.40 -4.64
CA GLN A 87 -19.70 -49.32 -4.27
C GLN A 87 -19.52 -48.13 -5.21
N GLU A 88 -20.24 -47.06 -4.91
CA GLU A 88 -20.26 -45.88 -5.78
C GLU A 88 -20.72 -44.69 -4.97
N LEU A 89 -19.99 -43.58 -5.05
CA LEU A 89 -20.34 -42.37 -4.32
C LEU A 89 -21.41 -41.61 -5.10
N THR A 90 -22.62 -41.59 -4.56
CA THR A 90 -23.74 -40.89 -5.15
C THR A 90 -24.11 -39.68 -4.30
N LYS A 91 -25.19 -39.00 -4.66
CA LYS A 91 -25.71 -37.91 -3.84
C LYS A 91 -26.29 -38.40 -2.52
N LYS A 92 -26.48 -39.71 -2.36
CA LYS A 92 -26.98 -40.29 -1.12
C LYS A 92 -25.94 -41.18 -0.44
N GLY A 93 -24.66 -40.86 -0.62
CA GLY A 93 -23.58 -41.61 0.01
C GLY A 93 -23.13 -42.79 -0.83
N CYS A 94 -22.22 -43.56 -0.25
CA CYS A 94 -21.73 -44.77 -0.91
C CYS A 94 -22.84 -45.82 -0.94
N LYS A 95 -23.13 -46.35 -2.12
CA LYS A 95 -24.16 -47.36 -2.30
C LYS A 95 -23.59 -48.52 -3.12
N ASP A 96 -24.04 -49.73 -2.80
CA ASP A 96 -23.61 -50.91 -3.53
C ASP A 96 -24.04 -50.81 -4.99
N CYS A 97 -23.19 -51.32 -5.89
CA CYS A 97 -23.52 -51.30 -7.31
C CYS A 97 -24.75 -52.17 -7.57
N CYS A 98 -25.49 -51.81 -8.61
CA CYS A 98 -26.64 -52.60 -9.01
C CYS A 98 -26.17 -53.94 -9.59
N PHE A 99 -27.06 -54.93 -9.55
CA PHE A 99 -26.77 -56.22 -10.17
C PHE A 99 -26.56 -56.05 -11.66
N GLY A 100 -25.40 -56.48 -12.15
CA GLY A 100 -25.01 -56.28 -13.53
C GLY A 100 -23.95 -55.22 -13.72
N THR A 101 -23.61 -54.46 -12.68
CA THR A 101 -22.57 -53.45 -12.73
C THR A 101 -21.49 -53.79 -11.71
N PHE A 102 -20.38 -53.04 -11.78
CA PHE A 102 -19.26 -53.29 -10.90
C PHE A 102 -18.43 -52.02 -10.75
N ASN A 103 -17.63 -51.98 -9.69
CA ASN A 103 -16.61 -50.95 -9.50
C ASN A 103 -15.42 -51.59 -8.81
N ASP A 104 -14.29 -51.63 -9.52
CA ASP A 104 -13.08 -52.25 -9.01
C ASP A 104 -12.18 -51.27 -8.25
N GLN A 105 -12.57 -50.01 -8.14
CA GLN A 105 -11.78 -48.99 -7.49
C GLN A 105 -12.55 -48.38 -6.33
N LYS A 106 -11.80 -47.69 -5.47
CA LYS A 106 -12.37 -46.97 -4.33
C LYS A 106 -12.83 -45.58 -4.70
N ARG A 107 -13.05 -45.34 -5.99
CA ARG A 107 -13.61 -44.10 -6.50
C ARG A 107 -14.40 -44.42 -7.76
N GLY A 108 -14.95 -43.38 -8.39
CA GLY A 108 -15.62 -43.56 -9.65
C GLY A 108 -17.00 -44.17 -9.53
N ILE A 109 -17.58 -44.47 -10.69
CA ILE A 109 -18.95 -44.95 -10.79
C ILE A 109 -18.94 -46.43 -11.14
N CYS A 110 -20.08 -47.08 -10.93
CA CYS A 110 -20.26 -48.45 -11.38
C CYS A 110 -20.41 -48.47 -12.90
N ARG A 111 -19.94 -49.56 -13.50
CA ARG A 111 -20.02 -49.73 -14.95
C ARG A 111 -20.61 -51.09 -15.27
N PRO A 112 -21.37 -51.19 -16.36
CA PRO A 112 -22.01 -52.47 -16.70
C PRO A 112 -20.97 -53.54 -17.00
N TRP A 113 -21.34 -54.79 -16.69
CA TRP A 113 -20.48 -55.92 -16.99
C TRP A 113 -20.25 -56.02 -18.48
N THR A 114 -19.05 -56.47 -18.86
CA THR A 114 -18.75 -56.74 -20.26
C THR A 114 -19.63 -57.89 -20.75
N ASN A 115 -20.48 -57.60 -21.75
CA ASN A 115 -21.37 -58.60 -22.32
C ASN A 115 -20.54 -59.47 -23.26
N CYS A 116 -20.19 -60.67 -22.80
CA CYS A 116 -19.33 -61.54 -23.61
C CYS A 116 -20.04 -62.00 -24.88
N SER A 117 -21.36 -62.21 -24.82
CA SER A 117 -22.08 -62.71 -25.98
C SER A 117 -22.04 -61.73 -27.13
N LEU A 118 -22.24 -60.43 -26.84
CA LEU A 118 -22.23 -59.42 -27.90
C LEU A 118 -20.88 -59.31 -28.59
N ASP A 119 -19.81 -59.74 -27.94
CA ASP A 119 -18.48 -59.74 -28.52
C ASP A 119 -18.09 -61.08 -29.12
N GLY A 120 -19.00 -62.05 -29.11
CA GLY A 120 -18.72 -63.36 -29.68
C GLY A 120 -17.97 -64.31 -28.78
N LYS A 121 -17.84 -64.00 -27.50
CA LYS A 121 -17.07 -64.81 -26.56
C LYS A 121 -18.00 -65.43 -25.53
N SER A 122 -17.44 -66.32 -24.73
CA SER A 122 -18.16 -66.99 -23.65
C SER A 122 -17.68 -66.45 -22.31
N VAL A 123 -18.49 -66.71 -21.28
CA VAL A 123 -18.15 -66.28 -19.92
C VAL A 123 -17.24 -67.31 -19.29
N LEU A 124 -16.02 -66.90 -18.93
CA LEU A 124 -15.12 -67.75 -18.17
C LEU A 124 -15.35 -67.63 -16.67
N VAL A 125 -15.52 -66.41 -16.18
CA VAL A 125 -15.77 -66.14 -14.77
C VAL A 125 -16.94 -65.17 -14.68
N ASN A 126 -17.93 -65.50 -13.84
CA ASN A 126 -19.09 -64.64 -13.67
C ASN A 126 -18.69 -63.30 -13.06
N GLY A 127 -19.60 -62.34 -13.14
CA GLY A 127 -19.34 -61.01 -12.64
C GLY A 127 -19.57 -60.87 -11.15
N THR A 128 -19.16 -59.73 -10.63
CA THR A 128 -19.27 -59.41 -9.21
C THR A 128 -19.41 -57.91 -9.06
N LYS A 129 -19.90 -57.49 -7.90
CA LYS A 129 -19.93 -56.06 -7.59
C LYS A 129 -18.53 -55.44 -7.68
N GLU A 130 -17.49 -56.22 -7.41
CA GLU A 130 -16.12 -55.73 -7.47
C GLU A 130 -15.44 -56.00 -8.80
N ARG A 131 -15.75 -57.11 -9.47
CA ARG A 131 -14.99 -57.57 -10.62
C ARG A 131 -15.86 -57.64 -11.87
N ASP A 132 -15.26 -57.33 -13.01
CA ASP A 132 -15.92 -57.45 -14.29
C ASP A 132 -15.96 -58.92 -14.74
N VAL A 133 -16.88 -59.21 -15.65
CA VAL A 133 -16.97 -60.56 -16.20
C VAL A 133 -15.73 -60.84 -17.04
N VAL A 134 -15.15 -62.03 -16.85
CA VAL A 134 -13.99 -62.47 -17.61
C VAL A 134 -14.50 -63.32 -18.78
N CYS A 135 -14.27 -62.85 -20.00
CA CYS A 135 -14.69 -63.58 -21.17
C CYS A 135 -13.57 -64.49 -21.68
N GLY A 136 -13.97 -65.52 -22.42
CA GLY A 136 -13.03 -66.45 -23.00
C GLY A 136 -13.38 -66.81 -24.43
N PRO A 137 -12.41 -67.32 -25.18
CA PRO A 137 -12.66 -67.65 -26.59
C PRO A 137 -13.59 -68.84 -26.72
N SER A 138 -14.56 -68.72 -27.63
CA SER A 138 -15.48 -69.79 -27.98
C SER A 138 -16.18 -70.40 -26.77
N GLN B 2 -20.09 7.46 4.98
CA GLN B 2 -20.92 6.94 3.89
C GLN B 2 -21.65 5.67 4.31
N ASP B 3 -21.72 5.45 5.62
CA ASP B 3 -22.46 4.33 6.17
C ASP B 3 -23.95 4.54 5.95
N PRO B 4 -24.64 3.65 5.23
CA PRO B 4 -26.09 3.84 5.05
C PRO B 4 -26.87 3.86 6.35
N CYS B 5 -26.38 3.20 7.40
CA CYS B 5 -27.08 3.19 8.67
C CYS B 5 -26.99 4.51 9.41
N SER B 6 -26.13 5.43 8.98
CA SER B 6 -26.11 6.76 9.59
C SER B 6 -27.34 7.57 9.25
N ASN B 7 -28.07 7.19 8.19
CA ASN B 7 -29.29 7.88 7.80
C ASN B 7 -30.51 7.43 8.60
N CYS B 8 -30.39 6.39 9.41
CA CYS B 8 -31.51 5.90 10.20
C CYS B 8 -31.50 6.58 11.56
N PRO B 9 -32.45 7.47 11.86
CA PRO B 9 -32.40 8.22 13.12
C PRO B 9 -33.06 7.47 14.27
N ALA B 10 -33.13 8.12 15.43
CA ALA B 10 -33.83 7.55 16.57
C ALA B 10 -35.29 7.28 16.21
N GLY B 11 -35.80 6.14 16.66
CA GLY B 11 -37.11 5.66 16.26
C GLY B 11 -37.08 4.64 15.15
N THR B 12 -35.94 4.46 14.49
CA THR B 12 -35.78 3.50 13.41
C THR B 12 -34.62 2.56 13.72
N PHE B 13 -34.48 1.52 12.90
CA PHE B 13 -33.32 0.65 12.96
C PHE B 13 -32.89 0.30 11.54
N CYS B 14 -31.59 0.08 11.37
CA CYS B 14 -30.99 -0.20 10.07
C CYS B 14 -31.17 -1.68 9.76
N ASP B 15 -32.15 -2.00 8.91
CA ASP B 15 -32.42 -3.38 8.56
C ASP B 15 -31.40 -3.88 7.56
N ASN B 16 -31.25 -5.22 7.51
CA ASN B 16 -30.25 -5.81 6.63
C ASN B 16 -30.70 -5.86 5.18
N ASN B 17 -32.00 -6.03 4.94
CA ASN B 17 -32.51 -5.99 3.57
C ASN B 17 -32.36 -4.58 3.00
N ARG B 18 -32.06 -4.49 1.71
CA ARG B 18 -31.76 -3.22 1.07
C ARG B 18 -32.96 -2.61 0.36
N ASN B 19 -34.14 -3.24 0.44
CA ASN B 19 -35.34 -2.60 -0.09
C ASN B 19 -35.75 -1.41 0.76
N GLN B 20 -35.54 -1.50 2.07
CA GLN B 20 -35.78 -0.39 2.99
C GLN B 20 -34.73 -0.48 4.09
N ILE B 21 -33.68 0.33 3.96
CA ILE B 21 -32.57 0.27 4.91
C ILE B 21 -33.03 0.68 6.31
N CYS B 22 -33.71 1.81 6.41
CA CYS B 22 -34.20 2.32 7.69
C CYS B 22 -35.65 1.89 7.86
N SER B 23 -35.91 1.13 8.93
CA SER B 23 -37.25 0.64 9.22
C SER B 23 -37.68 1.10 10.60
N PRO B 24 -38.95 1.48 10.78
CA PRO B 24 -39.41 1.94 12.09
C PRO B 24 -39.39 0.83 13.12
N CYS B 25 -39.07 1.19 14.36
CA CYS B 25 -39.02 0.20 15.42
C CYS B 25 -40.42 -0.36 15.69
N PRO B 26 -40.55 -1.67 15.87
CA PRO B 26 -41.87 -2.27 16.10
C PRO B 26 -42.49 -1.75 17.39
N PRO B 27 -43.79 -1.96 17.58
CA PRO B 27 -44.41 -1.56 18.86
C PRO B 27 -43.74 -2.24 20.04
N ASN B 28 -43.78 -1.56 21.19
CA ASN B 28 -43.12 -2.00 22.42
C ASN B 28 -41.61 -2.09 22.25
N SER B 29 -41.06 -1.28 21.34
CA SER B 29 -39.62 -1.18 21.17
C SER B 29 -39.27 0.24 20.76
N PHE B 30 -38.00 0.60 20.96
CA PHE B 30 -37.55 1.96 20.74
C PHE B 30 -36.09 1.98 20.36
N SER B 31 -35.62 3.15 19.93
CA SER B 31 -34.21 3.43 19.71
C SER B 31 -33.95 4.87 20.10
N SER B 32 -33.12 5.06 21.13
CA SER B 32 -32.86 6.40 21.66
C SER B 32 -31.79 7.15 20.87
N ALA B 33 -31.13 6.50 19.92
CA ALA B 33 -30.12 7.15 19.09
C ALA B 33 -30.18 6.55 17.69
N GLY B 34 -29.63 7.30 16.73
CA GLY B 34 -29.62 6.84 15.36
C GLY B 34 -28.52 5.82 15.10
N GLY B 35 -28.65 5.14 13.97
CA GLY B 35 -27.64 4.18 13.55
C GLY B 35 -27.72 2.81 14.19
N GLN B 36 -28.79 2.54 14.95
CA GLN B 36 -28.94 1.23 15.58
C GLN B 36 -29.40 0.20 14.56
N ARG B 37 -28.86 -1.01 14.67
CA ARG B 37 -29.30 -2.14 13.86
C ARG B 37 -30.23 -3.07 14.63
N THR B 38 -30.72 -2.63 15.78
CA THR B 38 -31.74 -3.35 16.53
C THR B 38 -32.49 -2.34 17.40
N CYS B 39 -33.69 -2.73 17.81
CA CYS B 39 -34.56 -1.87 18.61
C CYS B 39 -34.61 -2.39 20.04
N ASP B 40 -34.45 -1.50 21.01
CA ASP B 40 -34.50 -1.89 22.41
C ASP B 40 -35.94 -2.15 22.83
N ILE B 41 -36.16 -3.25 23.55
CA ILE B 41 -37.50 -3.59 24.01
C ILE B 41 -37.85 -2.71 25.20
N CYS B 42 -39.04 -2.12 25.16
CA CYS B 42 -39.50 -1.26 26.25
C CYS B 42 -39.56 -2.04 27.56
N ARG B 43 -39.06 -1.43 28.63
CA ARG B 43 -39.05 -2.10 29.92
C ARG B 43 -40.46 -2.24 30.47
N GLN B 44 -40.63 -3.24 31.34
CA GLN B 44 -41.91 -3.54 31.95
C GLN B 44 -42.00 -2.92 33.34
N CYS B 45 -43.18 -2.42 33.67
CA CYS B 45 -43.50 -1.95 35.02
C CYS B 45 -44.62 -2.84 35.54
N LYS B 46 -44.27 -3.87 36.30
CA LYS B 46 -45.23 -4.84 36.81
C LYS B 46 -45.03 -5.01 38.32
N GLY B 47 -45.90 -5.80 38.93
CA GLY B 47 -45.86 -6.04 40.36
C GLY B 47 -46.21 -4.79 41.16
N VAL B 48 -45.28 -4.35 42.00
CA VAL B 48 -45.47 -3.09 42.75
C VAL B 48 -45.20 -1.86 41.91
N PHE B 49 -44.90 -2.03 40.62
CA PHE B 49 -44.51 -0.92 39.77
C PHE B 49 -45.64 -0.55 38.80
N ARG B 50 -45.68 0.73 38.47
CA ARG B 50 -46.63 1.29 37.50
C ARG B 50 -45.84 2.06 36.46
N THR B 51 -46.42 2.18 35.26
CA THR B 51 -45.75 2.89 34.16
C THR B 51 -45.99 4.38 34.31
N ARG B 52 -44.97 5.10 34.78
CA ARG B 52 -45.09 6.55 34.93
C ARG B 52 -45.16 7.24 33.58
N LYS B 53 -44.18 6.98 32.71
CA LYS B 53 -44.15 7.53 31.37
C LYS B 53 -44.14 6.39 30.36
N GLU B 54 -45.07 6.44 29.40
CA GLU B 54 -45.13 5.43 28.36
C GLU B 54 -43.91 5.52 27.45
N CYS B 55 -43.48 4.38 26.95
CA CYS B 55 -42.35 4.36 26.03
C CYS B 55 -42.82 4.73 24.63
N SER B 56 -42.01 5.52 23.94
CA SER B 56 -42.27 5.94 22.57
C SER B 56 -41.29 5.21 21.65
N SER B 57 -41.35 5.57 20.36
CA SER B 57 -40.41 5.00 19.41
C SER B 57 -38.98 5.45 19.67
N THR B 58 -38.79 6.51 20.46
CA THR B 58 -37.48 7.08 20.68
C THR B 58 -37.05 7.10 22.14
N SER B 59 -37.84 6.53 23.05
CA SER B 59 -37.49 6.61 24.46
C SER B 59 -38.10 5.44 25.21
N ASN B 60 -37.37 4.98 26.23
CA ASN B 60 -37.85 3.87 27.05
C ASN B 60 -38.95 4.35 27.99
N ALA B 61 -39.65 3.38 28.58
CA ALA B 61 -40.67 3.69 29.57
C ALA B 61 -40.00 3.92 30.93
N GLU B 62 -40.73 4.60 31.81
CA GLU B 62 -40.28 4.88 33.16
C GLU B 62 -41.31 4.35 34.15
N CYS B 63 -40.82 3.75 35.24
CA CYS B 63 -41.69 3.16 36.24
C CYS B 63 -41.69 3.99 37.52
N ASP B 64 -42.85 4.04 38.17
CA ASP B 64 -42.96 4.49 39.55
C ASP B 64 -43.66 3.41 40.34
N CYS B 65 -44.04 3.69 41.58
CA CYS B 65 -44.66 2.67 42.42
C CYS B 65 -46.17 2.70 42.28
N THR B 66 -46.78 1.52 42.46
CA THR B 66 -48.22 1.39 42.37
C THR B 66 -48.90 2.18 43.49
N PRO B 67 -50.16 2.61 43.28
CA PRO B 67 -50.89 3.29 44.37
C PRO B 67 -50.88 2.51 45.67
N GLY B 68 -50.36 3.13 46.72
CA GLY B 68 -50.19 2.48 48.01
C GLY B 68 -48.74 2.23 48.38
N PHE B 69 -47.80 2.48 47.47
CA PHE B 69 -46.38 2.26 47.70
C PHE B 69 -45.61 3.51 47.30
N HIS B 70 -44.38 3.61 47.81
CA HIS B 70 -43.51 4.73 47.51
C HIS B 70 -42.11 4.21 47.17
N CYS B 71 -41.42 4.96 46.31
CA CYS B 71 -40.06 4.59 45.91
C CYS B 71 -39.13 4.60 47.12
N LEU B 72 -38.33 3.54 47.23
CA LEU B 72 -37.42 3.43 48.38
C LEU B 72 -36.12 4.20 48.15
N GLY B 73 -35.69 4.35 46.91
CA GLY B 73 -34.53 5.15 46.60
C GLY B 73 -33.86 4.65 45.33
N ALA B 74 -32.70 5.25 45.06
CA ALA B 74 -31.86 4.89 43.90
C ALA B 74 -32.64 5.02 42.58
N GLY B 75 -33.28 6.17 42.41
CA GLY B 75 -34.09 6.39 41.22
C GLY B 75 -35.28 5.45 41.13
N CYS B 76 -35.96 5.24 42.25
CA CYS B 76 -37.08 4.29 42.34
C CYS B 76 -36.66 2.89 41.92
N SER B 77 -35.58 2.40 42.54
CA SER B 77 -35.13 1.03 42.29
C SER B 77 -36.13 0.02 42.85
N MET B 78 -36.65 0.28 44.04
CA MET B 78 -37.61 -0.61 44.69
C MET B 78 -38.67 0.22 45.40
N CYS B 79 -39.76 -0.42 45.76
CA CYS B 79 -40.91 0.24 46.38
C CYS B 79 -41.09 -0.21 47.82
N GLU B 80 -41.72 0.65 48.61
CA GLU B 80 -41.98 0.40 50.02
C GLU B 80 -43.41 0.77 50.34
N GLN B 81 -44.06 -0.03 51.18
CA GLN B 81 -45.49 0.12 51.43
C GLN B 81 -45.77 1.39 52.23
N ASP B 82 -46.74 2.16 51.77
CA ASP B 82 -47.17 3.36 52.49
C ASP B 82 -47.93 2.98 53.76
N CYS B 83 -47.94 3.92 54.70
CA CYS B 83 -48.79 3.84 55.88
C CYS B 83 -49.49 5.18 56.06
N LYS B 84 -50.57 5.16 56.83
CA LYS B 84 -51.29 6.39 57.11
C LYS B 84 -50.46 7.29 58.03
N GLN B 85 -50.81 8.58 58.04
CA GLN B 85 -50.15 9.51 58.94
C GLN B 85 -50.35 9.06 60.39
N GLY B 86 -49.32 9.28 61.21
CA GLY B 86 -49.33 8.76 62.55
C GLY B 86 -49.00 7.29 62.66
N GLN B 87 -48.52 6.69 61.58
CA GLN B 87 -48.14 5.28 61.56
C GLN B 87 -46.76 5.13 60.94
N GLU B 88 -46.12 4.00 61.26
CA GLU B 88 -44.80 3.68 60.72
C GLU B 88 -44.79 2.22 60.29
N LEU B 89 -44.01 1.93 59.25
CA LEU B 89 -43.90 0.58 58.73
C LEU B 89 -42.97 -0.24 59.62
N THR B 90 -43.42 -1.43 60.00
CA THR B 90 -42.68 -2.30 60.90
C THR B 90 -42.80 -3.73 60.41
N LYS B 91 -42.28 -4.68 61.21
CA LYS B 91 -42.44 -6.09 60.87
C LYS B 91 -43.90 -6.51 60.84
N LYS B 92 -44.73 -5.89 61.68
CA LYS B 92 -46.15 -6.20 61.71
C LYS B 92 -46.96 -5.33 60.75
N GLY B 93 -46.41 -4.21 60.30
CA GLY B 93 -47.04 -3.41 59.27
C GLY B 93 -47.91 -2.29 59.76
N CYS B 94 -47.47 -1.05 59.54
CA CYS B 94 -48.23 0.16 59.80
C CYS B 94 -48.84 0.16 61.21
N LYS B 95 -47.95 0.14 62.21
CA LYS B 95 -48.37 0.33 63.59
C LYS B 95 -48.56 1.81 63.89
N ASP B 96 -49.53 2.10 64.76
CA ASP B 96 -49.71 3.47 65.23
C ASP B 96 -48.48 3.92 66.04
N CYS B 97 -48.16 5.20 65.95
CA CYS B 97 -47.04 5.73 66.70
C CYS B 97 -47.28 5.61 68.19
N CYS B 98 -46.21 5.34 68.94
CA CYS B 98 -46.30 5.30 70.39
C CYS B 98 -46.49 6.72 70.94
N PHE B 99 -46.96 6.79 72.18
CA PHE B 99 -47.16 8.09 72.82
C PHE B 99 -45.82 8.79 73.01
N GLY B 100 -45.79 10.08 72.67
CA GLY B 100 -44.56 10.86 72.71
C GLY B 100 -43.84 10.97 71.38
N THR B 101 -44.29 10.25 70.36
CA THR B 101 -43.70 10.31 69.03
C THR B 101 -44.79 10.66 68.02
N PHE B 102 -44.36 10.92 66.79
CA PHE B 102 -45.30 11.32 65.74
C PHE B 102 -44.69 10.99 64.39
N ASN B 103 -45.53 11.01 63.36
CA ASN B 103 -45.08 10.90 61.98
C ASN B 103 -46.01 11.75 61.13
N ASP B 104 -45.48 12.81 60.53
CA ASP B 104 -46.27 13.73 59.72
C ASP B 104 -46.36 13.31 58.26
N GLN B 105 -45.63 12.28 57.86
CA GLN B 105 -45.64 11.80 56.48
C GLN B 105 -46.24 10.40 56.41
N LYS B 106 -46.56 9.99 55.18
CA LYS B 106 -47.03 8.64 54.90
C LYS B 106 -45.88 7.68 54.69
N ARG B 107 -44.71 8.02 55.22
CA ARG B 107 -43.49 7.24 55.05
C ARG B 107 -42.59 7.52 56.25
N GLY B 108 -41.71 6.57 56.54
CA GLY B 108 -40.72 6.76 57.59
C GLY B 108 -41.16 6.19 58.92
N ILE B 109 -40.47 6.62 59.97
CA ILE B 109 -40.68 6.11 61.31
C ILE B 109 -41.13 7.25 62.22
N CYS B 110 -41.70 6.87 63.37
CA CYS B 110 -42.17 7.84 64.35
C CYS B 110 -40.99 8.37 65.15
N ARG B 111 -40.70 9.67 64.99
CA ARG B 111 -39.63 10.23 65.82
C ARG B 111 -40.23 11.01 66.99
N PRO B 112 -39.51 11.13 68.10
CA PRO B 112 -40.06 11.82 69.26
C PRO B 112 -40.36 13.28 68.94
N TRP B 113 -41.46 13.79 69.50
CA TRP B 113 -41.82 15.17 69.27
C TRP B 113 -40.99 16.09 70.14
N THR B 114 -40.82 17.33 69.68
CA THR B 114 -39.86 18.25 70.28
C THR B 114 -40.19 18.51 71.74
N ASN B 115 -39.15 18.51 72.58
CA ASN B 115 -39.28 18.80 74.00
C ASN B 115 -39.03 20.29 74.21
N CYS B 116 -40.08 21.03 74.55
CA CYS B 116 -39.96 22.47 74.77
C CYS B 116 -39.33 22.79 76.12
N SER B 117 -39.36 21.87 77.07
CA SER B 117 -38.73 22.12 78.37
C SER B 117 -37.23 22.36 78.21
N LEU B 118 -36.58 21.61 77.33
CA LEU B 118 -35.23 21.95 76.92
C LEU B 118 -35.26 23.28 76.17
N ASP B 119 -34.31 24.17 76.50
CA ASP B 119 -34.25 25.54 76.03
C ASP B 119 -35.33 26.43 76.63
N GLY B 120 -36.05 25.93 77.63
CA GLY B 120 -36.95 26.76 78.42
C GLY B 120 -38.18 27.28 77.71
N LYS B 121 -38.55 26.70 76.57
CA LYS B 121 -39.74 27.15 75.87
C LYS B 121 -41.01 26.65 76.56
N SER B 122 -42.16 27.04 76.03
CA SER B 122 -43.46 26.62 76.54
C SER B 122 -44.23 25.92 75.43
N VAL B 123 -45.13 25.03 75.83
CA VAL B 123 -45.91 24.25 74.88
C VAL B 123 -47.11 25.07 74.44
N LEU B 124 -47.14 25.47 73.17
CA LEU B 124 -48.28 26.21 72.64
C LEU B 124 -49.38 25.28 72.19
N VAL B 125 -49.04 24.20 71.49
CA VAL B 125 -49.98 23.19 71.04
C VAL B 125 -49.44 21.83 71.44
N ASN B 126 -50.27 21.03 72.10
CA ASN B 126 -49.88 19.67 72.46
C ASN B 126 -49.69 18.83 71.21
N GLY B 127 -48.91 17.76 71.35
CA GLY B 127 -48.61 16.91 70.22
C GLY B 127 -49.62 15.80 70.00
N THR B 128 -49.54 15.19 68.83
CA THR B 128 -50.34 14.03 68.48
C THR B 128 -49.43 13.00 67.82
N LYS B 129 -50.02 11.92 67.31
CA LYS B 129 -49.25 10.96 66.53
C LYS B 129 -49.00 11.46 65.11
N GLU B 130 -49.72 12.49 64.66
CA GLU B 130 -49.54 13.05 63.33
C GLU B 130 -48.77 14.36 63.33
N ARG B 131 -48.84 15.13 64.41
CA ARG B 131 -48.24 16.46 64.46
C ARG B 131 -47.24 16.56 65.60
N ASP B 132 -46.19 17.35 65.37
CA ASP B 132 -45.19 17.66 66.38
C ASP B 132 -45.72 18.71 67.36
N VAL B 133 -45.11 18.74 68.55
CA VAL B 133 -45.43 19.77 69.52
C VAL B 133 -44.95 21.12 69.01
N VAL B 134 -45.78 22.14 69.16
CA VAL B 134 -45.43 23.51 68.78
C VAL B 134 -45.01 24.25 70.04
N CYS B 135 -43.75 24.66 70.08
CA CYS B 135 -43.20 25.33 71.25
C CYS B 135 -43.41 26.83 71.18
N GLY B 136 -43.36 27.48 72.34
CA GLY B 136 -43.57 28.90 72.44
C GLY B 136 -42.28 29.71 72.35
N PRO B 137 -42.36 30.99 72.69
CA PRO B 137 -41.17 31.84 72.58
C PRO B 137 -40.13 31.49 73.64
N SER B 138 -38.86 31.71 73.28
CA SER B 138 -37.76 31.50 74.21
C SER B 138 -37.60 32.73 75.12
N PRO B 139 -37.30 32.53 76.41
CA PRO B 139 -37.17 33.64 77.35
C PRO B 139 -35.78 34.24 77.38
N GLN C 1 32.10 19.31 -26.42
CA GLN C 1 31.09 20.32 -26.75
C GLN C 1 30.00 20.38 -25.68
N VAL C 2 28.84 19.81 -25.99
CA VAL C 2 27.70 19.80 -25.07
C VAL C 2 27.82 18.56 -24.20
N GLN C 3 28.16 18.77 -22.92
CA GLN C 3 28.46 17.65 -22.03
C GLN C 3 28.07 18.02 -20.60
N LEU C 4 27.65 17.00 -19.85
CA LEU C 4 27.36 17.13 -18.43
C LEU C 4 28.18 16.11 -17.66
N GLN C 5 28.67 16.49 -16.48
CA GLN C 5 29.57 15.64 -15.72
C GLN C 5 29.28 15.80 -14.23
N GLU C 6 28.91 14.69 -13.58
CA GLU C 6 28.65 14.68 -12.15
C GLU C 6 29.93 14.36 -11.39
N SER C 7 30.18 15.10 -10.32
CA SER C 7 31.34 14.87 -9.47
C SER C 7 30.92 14.93 -8.01
N GLY C 8 31.63 14.18 -7.17
CA GLY C 8 31.34 14.11 -5.77
C GLY C 8 31.88 12.85 -5.14
N PRO C 9 32.00 12.85 -3.81
CA PRO C 9 32.56 11.67 -3.14
C PRO C 9 31.65 10.47 -3.24
N GLY C 10 32.25 9.29 -3.42
CA GLY C 10 31.50 8.05 -3.55
C GLY C 10 31.10 7.40 -2.25
N LEU C 11 31.64 7.85 -1.13
CA LEU C 11 31.33 7.30 0.18
C LEU C 11 30.94 8.43 1.13
N VAL C 12 29.79 8.29 1.77
CA VAL C 12 29.31 9.27 2.75
C VAL C 12 28.74 8.51 3.94
N LYS C 13 29.01 9.03 5.13
CA LYS C 13 28.46 8.42 6.34
C LYS C 13 27.00 8.84 6.51
N PRO C 14 26.18 8.00 7.16
CA PRO C 14 24.76 8.33 7.32
C PRO C 14 24.51 9.63 8.07
N SER C 15 25.45 10.08 8.89
CA SER C 15 25.25 11.31 9.65
C SER C 15 25.42 12.55 8.78
N GLU C 16 26.39 12.52 7.87
CA GLU C 16 26.79 13.72 7.14
C GLU C 16 25.84 13.96 5.96
N THR C 17 26.16 14.97 5.15
CA THR C 17 25.33 15.41 4.04
C THR C 17 26.00 15.03 2.72
N LEU C 18 25.22 14.43 1.82
CA LEU C 18 25.71 14.16 0.47
C LEU C 18 25.80 15.46 -0.31
N SER C 19 26.89 15.64 -1.05
CA SER C 19 27.14 16.86 -1.81
C SER C 19 27.71 16.49 -3.17
N LEU C 20 26.96 16.75 -4.23
CA LEU C 20 27.35 16.43 -5.59
C LEU C 20 27.34 17.68 -6.45
N THR C 21 28.20 17.69 -7.46
CA THR C 21 28.31 18.80 -8.40
C THR C 21 28.09 18.29 -9.82
N CYS C 22 27.30 19.04 -10.60
CA CYS C 22 27.05 18.75 -12.00
C CYS C 22 27.66 19.87 -12.83
N THR C 23 28.79 19.58 -13.49
CA THR C 23 29.47 20.55 -14.33
C THR C 23 28.87 20.51 -15.74
N VAL C 24 28.52 21.67 -16.26
CA VAL C 24 27.80 21.79 -17.52
C VAL C 24 28.67 22.55 -18.50
N SER C 25 28.78 22.03 -19.73
CA SER C 25 29.54 22.67 -20.79
C SER C 25 28.69 22.74 -22.05
N GLY C 26 28.89 23.80 -22.84
CA GLY C 26 28.12 24.00 -24.04
C GLY C 26 26.65 24.24 -23.82
N SER C 27 26.27 24.70 -22.62
CA SER C 27 24.87 24.97 -22.30
C SER C 27 24.83 25.94 -21.14
N SER C 28 24.34 27.15 -21.40
CA SER C 28 24.21 28.14 -20.34
C SER C 28 23.15 27.72 -19.34
N LEU C 29 23.43 27.96 -18.05
CA LEU C 29 22.46 27.64 -17.01
C LEU C 29 21.35 28.67 -16.89
N THR C 30 21.50 29.85 -17.50
CA THR C 30 20.40 30.80 -17.58
C THR C 30 19.48 30.52 -18.76
N SER C 31 19.83 29.54 -19.60
CA SER C 31 19.02 29.17 -20.75
C SER C 31 18.48 27.75 -20.68
N TYR C 32 18.97 26.93 -19.76
CA TYR C 32 18.57 25.53 -19.66
C TYR C 32 18.22 25.18 -18.23
N GLY C 33 17.39 24.15 -18.08
CA GLY C 33 17.15 23.57 -16.78
C GLY C 33 18.05 22.37 -16.52
N VAL C 34 18.22 22.04 -15.25
CA VAL C 34 19.04 20.91 -14.83
C VAL C 34 18.24 20.07 -13.84
N HIS C 35 18.10 18.78 -14.14
CA HIS C 35 17.31 17.87 -13.34
C HIS C 35 18.20 16.76 -12.80
N TRP C 36 18.03 16.44 -11.52
CA TRP C 36 18.79 15.37 -10.87
C TRP C 36 17.95 14.11 -10.81
N VAL C 37 18.53 12.99 -11.23
CA VAL C 37 17.89 11.69 -11.22
C VAL C 37 18.86 10.69 -10.60
N ARG C 38 18.32 9.73 -9.85
CA ARG C 38 19.13 8.69 -9.22
C ARG C 38 18.55 7.31 -9.53
N GLN C 39 19.43 6.32 -9.56
CA GLN C 39 19.04 4.93 -9.81
C GLN C 39 19.63 4.04 -8.73
N PRO C 40 18.84 3.60 -7.76
CA PRO C 40 19.33 2.64 -6.78
C PRO C 40 19.75 1.35 -7.44
N PRO C 41 20.64 0.57 -6.81
CA PRO C 41 21.13 -0.65 -7.46
C PRO C 41 19.99 -1.63 -7.73
N GLY C 42 19.92 -2.09 -8.98
CA GLY C 42 18.89 -3.02 -9.39
C GLY C 42 17.51 -2.42 -9.52
N LYS C 43 17.38 -1.09 -9.48
CA LYS C 43 16.12 -0.40 -9.62
C LYS C 43 16.15 0.50 -10.86
N GLY C 44 15.06 1.23 -11.05
CA GLY C 44 14.91 2.10 -12.20
C GLY C 44 15.24 3.55 -11.89
N LEU C 45 14.97 4.40 -12.87
CA LEU C 45 15.28 5.82 -12.73
C LEU C 45 14.26 6.50 -11.83
N GLU C 46 14.75 7.43 -10.99
CA GLU C 46 13.91 8.11 -10.01
C GLU C 46 14.30 9.58 -9.98
N GLY C 47 13.31 10.45 -10.17
CA GLY C 47 13.58 11.88 -10.21
C GLY C 47 13.71 12.48 -8.81
N LEU C 48 14.64 13.40 -8.68
CA LEU C 48 14.91 14.08 -7.41
C LEU C 48 14.44 15.53 -7.41
N GLY C 49 14.83 16.30 -8.40
CA GLY C 49 14.44 17.70 -8.45
C GLY C 49 15.08 18.42 -9.62
N VAL C 50 14.55 19.59 -9.93
CA VAL C 50 15.01 20.39 -11.05
C VAL C 50 15.18 21.83 -10.59
N ILE C 51 16.23 22.50 -11.07
CA ILE C 51 16.41 23.93 -10.85
C ILE C 51 16.30 24.63 -12.20
N TRP C 52 15.52 25.69 -12.26
CA TRP C 52 15.17 26.33 -13.51
C TRP C 52 16.17 27.42 -13.85
N PRO C 53 16.17 27.89 -15.11
CA PRO C 53 17.08 29.00 -15.47
C PRO C 53 16.93 30.22 -14.59
N GLY C 54 15.71 30.53 -14.14
CA GLY C 54 15.52 31.64 -13.24
C GLY C 54 16.08 31.42 -11.85
N GLY C 55 16.24 30.16 -11.45
CA GLY C 55 16.79 29.83 -10.14
C GLY C 55 15.82 29.14 -9.20
N SER C 56 14.55 29.05 -9.56
CA SER C 56 13.58 28.36 -8.72
C SER C 56 13.75 26.84 -8.84
N THR C 57 13.26 26.14 -7.83
CA THR C 57 13.44 24.69 -7.74
C THR C 57 12.11 24.01 -7.43
N ASN C 58 12.00 22.76 -7.88
CA ASN C 58 10.88 21.89 -7.52
C ASN C 58 11.45 20.54 -7.12
N TYR C 59 11.08 20.07 -5.93
CA TYR C 59 11.61 18.82 -5.38
C TYR C 59 10.51 17.77 -5.31
N ASN C 60 10.90 16.52 -5.48
CA ASN C 60 9.98 15.40 -5.29
C ASN C 60 9.56 15.34 -3.83
N SER C 61 8.25 15.21 -3.58
CA SER C 61 7.75 15.20 -2.22
C SER C 61 8.27 14.00 -1.43
N ALA C 62 8.55 12.89 -2.11
CA ALA C 62 9.03 11.70 -1.42
C ALA C 62 10.43 11.86 -0.83
N LEU C 63 11.10 12.98 -1.11
CA LEU C 63 12.42 13.25 -0.56
C LEU C 63 12.35 13.97 0.79
N MET C 64 11.15 14.27 1.28
CA MET C 64 10.94 14.81 2.62
C MET C 64 11.75 16.08 2.85
N SER C 65 11.89 16.89 1.79
CA SER C 65 12.62 18.15 1.83
C SER C 65 14.08 17.96 2.23
N ARG C 66 14.61 16.75 2.11
CA ARG C 66 16.02 16.51 2.41
C ARG C 66 16.94 16.97 1.29
N VAL C 67 16.39 17.24 0.11
CA VAL C 67 17.18 17.60 -1.07
C VAL C 67 17.04 19.09 -1.32
N THR C 68 18.18 19.76 -1.49
CA THR C 68 18.23 21.17 -1.86
C THR C 68 19.16 21.32 -3.04
N ILE C 69 18.69 22.01 -4.08
CA ILE C 69 19.43 22.19 -5.33
C ILE C 69 19.70 23.66 -5.54
N SER C 70 20.96 24.01 -5.78
CA SER C 70 21.38 25.37 -6.10
C SER C 70 22.28 25.32 -7.33
N LYS C 71 22.71 26.49 -7.79
CA LYS C 71 23.57 26.55 -8.96
C LYS C 71 24.38 27.84 -8.92
N ASP C 72 25.40 27.89 -9.77
CA ASP C 72 26.26 29.08 -9.94
C ASP C 72 26.51 29.22 -11.43
N ASN C 73 25.81 30.18 -12.06
CA ASN C 73 25.86 30.31 -13.51
C ASN C 73 27.27 30.64 -14.00
N SER C 74 28.01 31.46 -13.24
CA SER C 74 29.33 31.88 -13.68
C SER C 74 30.30 30.70 -13.76
N LYS C 75 30.17 29.75 -12.85
CA LYS C 75 31.04 28.57 -12.82
C LYS C 75 30.45 27.39 -13.57
N SER C 76 29.27 27.54 -14.16
CA SER C 76 28.61 26.46 -14.91
C SER C 76 28.44 25.22 -14.05
N GLN C 77 28.14 25.42 -12.78
CA GLN C 77 28.02 24.33 -11.81
C GLN C 77 26.62 24.32 -11.20
N VAL C 78 26.07 23.12 -11.04
CA VAL C 78 24.84 22.87 -10.31
C VAL C 78 25.14 21.90 -9.20
N SER C 79 24.80 22.27 -7.96
CA SER C 79 25.13 21.48 -6.79
C SER C 79 23.87 20.88 -6.18
N LEU C 80 23.95 19.61 -5.78
CA LEU C 80 22.88 18.91 -5.10
C LEU C 80 23.35 18.53 -3.70
N LYS C 81 22.54 18.86 -2.69
CA LYS C 81 22.83 18.51 -1.31
C LYS C 81 21.68 17.70 -0.75
N MET C 82 22.01 16.64 0.00
CA MET C 82 21.01 15.77 0.59
C MET C 82 21.43 15.43 2.01
N SER C 83 20.52 15.61 2.96
CA SER C 83 20.79 15.37 4.37
C SER C 83 20.01 14.15 4.86
N SER C 84 20.28 13.78 6.11
CA SER C 84 19.61 12.64 6.76
C SER C 84 19.77 11.37 5.93
N LEU C 85 21.02 11.07 5.59
CA LEU C 85 21.31 9.95 4.71
C LEU C 85 21.13 8.62 5.42
N THR C 86 20.47 7.68 4.74
CA THR C 86 20.40 6.29 5.15
C THR C 86 20.93 5.42 4.00
N ALA C 87 20.90 4.10 4.22
CA ALA C 87 21.38 3.18 3.19
C ALA C 87 20.51 3.19 1.95
N ALA C 88 19.26 3.66 2.05
CA ALA C 88 18.38 3.73 0.90
C ALA C 88 18.81 4.79 -0.11
N ASP C 89 19.74 5.67 0.25
CA ASP C 89 20.23 6.71 -0.64
C ASP C 89 21.43 6.26 -1.47
N THR C 90 21.89 5.02 -1.29
CA THR C 90 22.93 4.47 -2.15
C THR C 90 22.38 4.29 -3.56
N ALA C 91 23.03 4.92 -4.54
CA ALA C 91 22.53 4.91 -5.91
C ALA C 91 23.57 5.53 -6.82
N VAL C 92 23.32 5.44 -8.12
CA VAL C 92 24.03 6.23 -9.12
C VAL C 92 23.21 7.48 -9.39
N TYR C 93 23.84 8.64 -9.27
CA TYR C 93 23.15 9.92 -9.40
C TYR C 93 23.48 10.55 -10.74
N TYR C 94 22.45 10.94 -11.48
CA TYR C 94 22.58 11.59 -12.77
C TYR C 94 22.12 13.03 -12.69
N CYS C 95 22.66 13.86 -13.60
CA CYS C 95 22.10 15.17 -13.88
C CYS C 95 21.83 15.27 -15.38
N ALA C 96 20.66 15.77 -15.72
CA ALA C 96 20.24 15.88 -17.12
C ALA C 96 19.82 17.31 -17.41
N ARG C 97 19.98 17.72 -18.67
CA ARG C 97 19.63 19.06 -19.11
C ARG C 97 18.19 19.09 -19.60
N VAL C 98 17.41 20.02 -19.07
CA VAL C 98 16.00 20.15 -19.44
C VAL C 98 15.89 21.17 -20.58
N THR C 99 15.37 20.72 -21.72
CA THR C 99 15.30 21.52 -22.93
C THR C 99 13.91 21.38 -23.55
N GLY C 100 13.65 22.21 -24.56
CA GLY C 100 12.38 22.18 -25.26
C GLY C 100 11.26 22.59 -24.34
N THR C 101 10.08 22.00 -24.57
CA THR C 101 8.99 22.20 -23.63
C THR C 101 9.45 21.62 -22.29
N TRP C 102 9.64 20.30 -22.20
CA TRP C 102 10.22 19.65 -21.02
C TRP C 102 10.69 18.25 -21.41
N TYR C 103 11.99 18.09 -21.64
CA TYR C 103 12.57 16.77 -21.86
C TYR C 103 14.06 16.84 -21.56
N PHE C 104 14.62 15.69 -21.19
CA PHE C 104 16.04 15.57 -20.86
C PHE C 104 16.78 15.17 -22.12
N ASP C 105 17.43 16.13 -22.77
CA ASP C 105 18.10 15.86 -24.04
C ASP C 105 19.57 15.50 -23.87
N VAL C 106 20.23 15.97 -22.81
CA VAL C 106 21.62 15.67 -22.54
C VAL C 106 21.74 15.10 -21.14
N TRP C 107 22.37 13.94 -21.02
CA TRP C 107 22.55 13.25 -19.74
C TRP C 107 24.03 13.16 -19.40
N GLY C 108 24.34 13.31 -18.12
CA GLY C 108 25.67 13.00 -17.64
C GLY C 108 25.88 11.51 -17.46
N GLN C 109 27.15 11.12 -17.33
CA GLN C 109 27.47 9.71 -17.22
C GLN C 109 27.11 9.13 -15.86
N GLY C 110 26.82 9.95 -14.87
CA GLY C 110 26.40 9.45 -13.56
C GLY C 110 27.57 9.23 -12.63
N THR C 111 27.32 9.41 -11.34
CA THR C 111 28.30 9.19 -10.31
C THR C 111 27.71 8.30 -9.21
N THR C 112 28.56 7.47 -8.63
CA THR C 112 28.13 6.47 -7.66
C THR C 112 28.35 7.00 -6.24
N VAL C 113 27.35 6.82 -5.38
CA VAL C 113 27.41 7.24 -3.99
C VAL C 113 26.99 6.08 -3.12
N THR C 114 27.82 5.76 -2.12
CA THR C 114 27.55 4.68 -1.18
C THR C 114 27.42 5.27 0.23
N VAL C 115 26.30 5.01 0.88
CA VAL C 115 26.07 5.45 2.25
C VAL C 115 26.47 4.31 3.18
N SER C 116 27.54 4.52 3.94
CA SER C 116 28.07 3.46 4.80
C SER C 116 28.98 4.08 5.85
N SER C 117 29.13 3.37 6.96
CA SER C 117 30.04 3.78 8.03
C SER C 117 31.43 3.17 7.87
N ALA C 118 31.61 2.23 6.96
CA ALA C 118 32.91 1.64 6.74
C ALA C 118 33.85 2.63 6.07
N SER C 119 35.14 2.45 6.30
CA SER C 119 36.15 3.33 5.74
C SER C 119 36.57 2.86 4.36
N THR C 120 37.10 3.80 3.57
CA THR C 120 37.60 3.46 2.24
C THR C 120 38.83 2.58 2.34
N LYS C 121 38.89 1.55 1.49
CA LYS C 121 40.07 0.72 1.35
C LYS C 121 40.44 0.64 -0.11
N GLY C 122 41.69 0.96 -0.43
CA GLY C 122 42.18 0.83 -1.77
C GLY C 122 42.34 -0.62 -2.17
N PRO C 123 42.26 -0.89 -3.47
CA PRO C 123 42.37 -2.28 -3.94
C PRO C 123 43.81 -2.72 -4.17
N SER C 124 43.97 -4.04 -4.26
CA SER C 124 45.23 -4.66 -4.66
C SER C 124 45.01 -5.33 -6.01
N VAL C 125 45.95 -5.11 -6.93
CA VAL C 125 45.85 -5.62 -8.29
C VAL C 125 46.87 -6.73 -8.48
N PHE C 126 46.41 -7.90 -8.92
CA PHE C 126 47.27 -9.05 -9.16
C PHE C 126 47.15 -9.51 -10.60
N PRO C 127 48.24 -9.95 -11.21
CA PRO C 127 48.16 -10.40 -12.62
C PRO C 127 47.37 -11.69 -12.77
N LEU C 128 46.73 -11.82 -13.92
CA LEU C 128 46.05 -13.06 -14.31
C LEU C 128 46.69 -13.54 -15.60
N ALA C 129 47.60 -14.51 -15.50
CA ALA C 129 48.29 -15.10 -16.63
C ALA C 129 48.24 -16.61 -16.51
N PRO C 130 48.25 -17.32 -17.64
CA PRO C 130 48.22 -18.80 -17.58
C PRO C 130 49.43 -19.34 -16.83
N CYS C 131 49.24 -20.51 -16.22
CA CYS C 131 50.31 -21.12 -15.42
C CYS C 131 51.58 -21.32 -16.24
N SER C 132 51.43 -21.59 -17.53
CA SER C 132 52.55 -21.66 -18.44
C SER C 132 52.05 -21.36 -19.84
N ARG C 133 52.84 -20.61 -20.60
CA ARG C 133 52.44 -20.24 -21.96
C ARG C 133 52.35 -21.48 -22.84
N SER C 134 51.34 -21.51 -23.70
CA SER C 134 51.11 -22.61 -24.62
C SER C 134 51.08 -22.06 -26.04
N THR C 135 51.90 -22.64 -26.92
CA THR C 135 51.99 -22.21 -28.30
C THR C 135 51.03 -22.96 -29.22
N SER C 136 50.22 -23.87 -28.67
CA SER C 136 49.31 -24.65 -29.51
C SER C 136 48.00 -23.91 -29.78
N GLU C 137 47.50 -23.15 -28.81
CA GLU C 137 46.27 -22.39 -28.99
C GLU C 137 46.57 -21.06 -29.65
N SER C 138 45.66 -20.63 -30.52
CA SER C 138 45.85 -19.41 -31.29
C SER C 138 45.42 -18.15 -30.56
N THR C 139 44.76 -18.28 -29.41
CA THR C 139 44.31 -17.13 -28.63
C THR C 139 44.51 -17.41 -27.15
N ALA C 140 45.17 -16.49 -26.46
CA ALA C 140 45.38 -16.56 -25.03
C ALA C 140 44.52 -15.52 -24.33
N ALA C 141 44.60 -15.49 -23.00
CA ALA C 141 43.83 -14.54 -22.20
C ALA C 141 44.68 -14.05 -21.04
N LEU C 142 44.77 -12.74 -20.89
CA LEU C 142 45.41 -12.10 -19.75
C LEU C 142 44.38 -11.32 -18.96
N GLY C 143 44.77 -10.90 -17.76
CA GLY C 143 43.85 -10.13 -16.94
C GLY C 143 44.52 -9.69 -15.66
N CYS C 144 43.74 -9.02 -14.82
CA CYS C 144 44.22 -8.59 -13.51
C CYS C 144 43.06 -8.56 -12.54
N LEU C 145 43.31 -9.03 -11.31
CA LEU C 145 42.30 -9.14 -10.27
C LEU C 145 42.39 -7.95 -9.33
N VAL C 146 41.25 -7.28 -9.13
CA VAL C 146 41.18 -6.06 -8.32
C VAL C 146 40.43 -6.43 -7.05
N LYS C 147 41.18 -6.73 -5.99
CA LYS C 147 40.63 -7.39 -4.80
C LYS C 147 40.66 -6.47 -3.59
N ASP C 148 39.65 -6.61 -2.73
CA ASP C 148 39.60 -5.98 -1.41
C ASP C 148 39.61 -4.44 -1.50
N TYR C 149 38.55 -3.91 -2.11
CA TYR C 149 38.33 -2.48 -2.14
C TYR C 149 36.91 -2.15 -1.68
N PHE C 150 36.70 -0.89 -1.32
CA PHE C 150 35.42 -0.37 -0.86
C PHE C 150 35.47 1.15 -0.83
N PRO C 151 34.44 1.86 -1.32
CA PRO C 151 33.20 1.34 -1.91
C PRO C 151 33.33 0.81 -3.34
N GLU C 152 32.18 0.67 -4.00
CA GLU C 152 32.09 -0.20 -5.18
C GLU C 152 32.79 0.33 -6.43
N PRO C 153 32.65 1.60 -6.83
CA PRO C 153 33.12 1.99 -8.16
C PRO C 153 34.63 1.84 -8.33
N VAL C 154 35.02 0.94 -9.24
CA VAL C 154 36.40 0.80 -9.68
C VAL C 154 36.41 0.79 -11.21
N THR C 155 37.46 1.35 -11.79
CA THR C 155 37.59 1.49 -13.23
C THR C 155 38.82 0.73 -13.71
N VAL C 156 38.70 0.05 -14.85
CA VAL C 156 39.80 -0.70 -15.44
C VAL C 156 39.92 -0.33 -16.91
N SER C 157 41.13 -0.01 -17.34
CA SER C 157 41.46 0.19 -18.75
C SER C 157 42.71 -0.60 -19.09
N TRP C 158 42.88 -0.90 -20.36
CA TRP C 158 44.00 -1.70 -20.85
C TRP C 158 44.85 -0.86 -21.79
N ASN C 159 46.16 -0.80 -21.51
CA ASN C 159 47.11 -0.02 -22.30
C ASN C 159 46.66 1.43 -22.43
N SER C 160 46.30 2.02 -21.29
CA SER C 160 45.89 3.43 -21.22
C SER C 160 44.71 3.73 -22.13
N GLY C 161 43.89 2.71 -22.42
CA GLY C 161 42.73 2.87 -23.27
C GLY C 161 42.94 2.45 -24.71
N ALA C 162 44.19 2.19 -25.12
CA ALA C 162 44.46 1.83 -26.51
C ALA C 162 43.90 0.46 -26.85
N LEU C 163 43.99 -0.49 -25.94
CA LEU C 163 43.53 -1.86 -26.17
C LEU C 163 42.06 -1.98 -25.76
N THR C 164 41.21 -2.28 -26.74
CA THR C 164 39.77 -2.36 -26.51
C THR C 164 39.21 -3.70 -26.99
N SER C 165 39.80 -4.25 -28.05
CA SER C 165 39.30 -5.49 -28.62
C SER C 165 39.47 -6.65 -27.64
N GLY C 166 38.39 -7.40 -27.44
CA GLY C 166 38.41 -8.56 -26.56
C GLY C 166 38.44 -8.25 -25.09
N VAL C 167 38.17 -7.01 -24.69
CA VAL C 167 38.23 -6.62 -23.29
C VAL C 167 36.91 -6.96 -22.61
N HIS C 168 36.98 -7.59 -21.44
CA HIS C 168 35.80 -7.88 -20.64
C HIS C 168 36.09 -7.53 -19.19
N THR C 169 35.38 -6.54 -18.66
CA THR C 169 35.45 -6.19 -17.24
C THR C 169 34.15 -6.65 -16.58
N PHE C 170 34.27 -7.47 -15.52
CA PHE C 170 33.14 -8.14 -14.91
C PHE C 170 32.57 -7.32 -13.76
N PRO C 171 31.27 -7.46 -13.49
CA PRO C 171 30.68 -6.79 -12.33
C PRO C 171 31.35 -7.25 -11.04
N ALA C 172 31.45 -6.32 -10.09
CA ALA C 172 32.09 -6.62 -8.82
C ALA C 172 31.27 -7.63 -8.02
N VAL C 173 31.98 -8.42 -7.22
CA VAL C 173 31.35 -9.39 -6.33
C VAL C 173 31.62 -8.94 -4.90
N LEU C 174 30.65 -9.18 -4.02
CA LEU C 174 30.77 -8.85 -2.62
C LEU C 174 31.31 -10.06 -1.86
N GLN C 175 32.47 -9.89 -1.24
CA GLN C 175 33.10 -10.99 -0.52
C GLN C 175 32.53 -11.11 0.89
N SER C 176 32.82 -12.26 1.52
CA SER C 176 32.39 -12.48 2.90
C SER C 176 32.98 -11.46 3.86
N SER C 177 34.12 -10.87 3.52
CA SER C 177 34.74 -9.85 4.36
C SER C 177 34.01 -8.52 4.28
N GLY C 178 33.04 -8.37 3.38
CA GLY C 178 32.39 -7.10 3.14
C GLY C 178 33.07 -6.22 2.12
N LEU C 179 34.21 -6.64 1.60
CA LEU C 179 34.94 -5.89 0.57
C LEU C 179 34.62 -6.46 -0.80
N TYR C 180 34.77 -5.62 -1.82
CA TYR C 180 34.44 -6.01 -3.18
C TYR C 180 35.67 -6.54 -3.91
N SER C 181 35.41 -7.34 -4.94
CA SER C 181 36.45 -7.90 -5.79
C SER C 181 35.96 -7.87 -7.24
N LEU C 182 36.86 -7.49 -8.15
CA LEU C 182 36.52 -7.34 -9.55
C LEU C 182 37.60 -7.97 -10.41
N SER C 183 37.20 -8.48 -11.58
CA SER C 183 38.11 -9.09 -12.52
C SER C 183 37.92 -8.44 -13.89
N SER C 184 39.03 -8.25 -14.60
CA SER C 184 39.02 -7.74 -15.96
C SER C 184 40.01 -8.53 -16.78
N VAL C 185 39.56 -9.01 -17.95
CA VAL C 185 40.37 -9.89 -18.79
C VAL C 185 40.39 -9.35 -20.21
N VAL C 186 41.35 -9.85 -21.00
CA VAL C 186 41.48 -9.49 -22.40
C VAL C 186 42.05 -10.70 -23.15
N THR C 187 41.45 -11.02 -24.28
CA THR C 187 41.91 -12.12 -25.12
C THR C 187 42.76 -11.58 -26.26
N VAL C 188 43.93 -12.18 -26.46
CA VAL C 188 44.88 -11.70 -27.47
C VAL C 188 45.49 -12.89 -28.19
N PRO C 189 45.93 -12.68 -29.43
CA PRO C 189 46.62 -13.75 -30.15
C PRO C 189 47.90 -14.16 -29.43
N SER C 190 48.20 -15.46 -29.54
CA SER C 190 49.32 -16.03 -28.79
C SER C 190 50.65 -15.41 -29.22
N SER C 191 50.83 -15.19 -30.51
CA SER C 191 52.10 -14.66 -31.01
C SER C 191 52.38 -13.26 -30.50
N SER C 192 51.34 -12.50 -30.17
CA SER C 192 51.54 -11.14 -29.67
C SER C 192 52.08 -11.11 -28.24
N LEU C 193 51.97 -12.22 -27.51
CA LEU C 193 52.45 -12.24 -26.12
C LEU C 193 53.95 -11.98 -26.05
N GLY C 194 54.73 -12.53 -26.98
CA GLY C 194 56.17 -12.37 -26.93
C GLY C 194 56.64 -10.98 -27.28
N THR C 195 55.85 -10.24 -28.08
CA THR C 195 56.28 -8.97 -28.62
C THR C 195 55.58 -7.75 -28.03
N LYS C 196 54.52 -7.94 -27.23
CA LYS C 196 53.71 -6.82 -26.77
C LYS C 196 53.59 -6.84 -25.26
N THR C 197 53.46 -5.65 -24.68
CA THR C 197 53.23 -5.47 -23.26
C THR C 197 51.76 -5.19 -23.01
N TYR C 198 51.24 -5.73 -21.90
CA TYR C 198 49.85 -5.55 -21.51
C TYR C 198 49.79 -5.05 -20.08
N THR C 199 49.23 -3.86 -19.89
CA THR C 199 49.11 -3.25 -18.57
C THR C 199 47.66 -2.84 -18.35
N CYS C 200 47.07 -3.33 -17.27
CA CYS C 200 45.72 -2.94 -16.90
C CYS C 200 45.79 -1.73 -15.96
N ASN C 201 44.97 -0.72 -16.24
CA ASN C 201 44.98 0.53 -15.47
C ASN C 201 43.78 0.53 -14.54
N VAL C 202 44.03 0.52 -13.24
CA VAL C 202 42.99 0.41 -12.22
C VAL C 202 42.83 1.75 -11.52
N ASP C 203 41.59 2.20 -11.41
CA ASP C 203 41.27 3.49 -10.82
C ASP C 203 40.22 3.30 -9.74
N HIS C 204 40.53 3.75 -8.52
CA HIS C 204 39.60 3.69 -7.39
C HIS C 204 39.55 5.10 -6.79
N LYS C 205 38.60 5.90 -7.27
CA LYS C 205 38.51 7.30 -6.83
C LYS C 205 38.25 7.47 -5.33
N PRO C 206 37.38 6.69 -4.67
CA PRO C 206 37.17 6.93 -3.23
C PRO C 206 38.43 6.85 -2.39
N SER C 207 39.40 6.02 -2.78
CA SER C 207 40.67 5.93 -2.08
C SER C 207 41.79 6.68 -2.79
N ASN C 208 41.46 7.42 -3.85
CA ASN C 208 42.45 8.14 -4.65
C ASN C 208 43.58 7.21 -5.11
N THR C 209 43.18 6.05 -5.63
CA THR C 209 44.10 4.98 -5.98
C THR C 209 44.23 4.88 -7.49
N LYS C 210 45.48 4.81 -7.96
CA LYS C 210 45.79 4.69 -9.38
C LYS C 210 46.93 3.69 -9.51
N VAL C 211 46.62 2.48 -9.95
CA VAL C 211 47.57 1.38 -10.03
C VAL C 211 47.67 0.90 -11.48
N ASP C 212 48.91 0.70 -11.94
CA ASP C 212 49.20 0.17 -13.27
C ASP C 212 49.96 -1.13 -13.11
N LYS C 213 49.32 -2.25 -13.45
CA LYS C 213 49.91 -3.57 -13.32
C LYS C 213 50.14 -4.17 -14.70
N ARG C 214 51.36 -4.63 -14.94
CA ARG C 214 51.71 -5.30 -16.20
C ARG C 214 51.47 -6.79 -16.07
N VAL C 215 51.05 -7.40 -17.18
CA VAL C 215 50.73 -8.83 -17.23
C VAL C 215 51.46 -9.44 -18.41
N ASP C 216 52.24 -10.50 -18.14
CA ASP C 216 52.95 -11.22 -19.19
C ASP C 216 52.66 -12.73 -19.10
N ASP D 1 1.23 12.01 -7.62
CA ASP D 1 2.22 11.25 -8.37
C ASP D 1 1.57 10.34 -9.41
N ILE D 2 1.83 10.60 -10.68
CA ILE D 2 1.30 9.78 -11.76
C ILE D 2 2.12 8.50 -11.84
N GLN D 3 1.44 7.37 -11.94
CA GLN D 3 2.10 6.06 -11.98
C GLN D 3 2.35 5.66 -13.42
N MET D 4 3.59 5.27 -13.71
CA MET D 4 4.00 4.82 -15.03
C MET D 4 4.41 3.36 -14.95
N THR D 5 3.76 2.51 -15.75
CA THR D 5 4.01 1.07 -15.76
C THR D 5 4.38 0.64 -17.17
N GLN D 6 5.42 -0.16 -17.29
CA GLN D 6 5.91 -0.64 -18.58
C GLN D 6 5.76 -2.16 -18.65
N SER D 7 5.11 -2.63 -19.71
CA SER D 7 4.92 -4.05 -19.95
C SER D 7 5.56 -4.44 -21.28
N PRO D 8 6.34 -5.53 -21.33
CA PRO D 8 6.70 -6.33 -20.16
C PRO D 8 7.97 -5.80 -19.47
N SER D 9 8.27 -6.32 -18.28
CA SER D 9 9.47 -5.86 -17.58
C SER D 9 10.75 -6.24 -18.33
N SER D 10 10.71 -7.33 -19.09
CA SER D 10 11.85 -7.74 -19.90
C SER D 10 11.34 -8.43 -21.15
N LEU D 11 12.16 -8.38 -22.21
CA LEU D 11 11.75 -8.91 -23.50
C LEU D 11 12.97 -9.50 -24.21
N SER D 12 12.77 -10.65 -24.83
CA SER D 12 13.78 -11.28 -25.68
C SER D 12 13.24 -11.38 -27.09
N ALA D 13 13.95 -10.79 -28.05
CA ALA D 13 13.51 -10.78 -29.43
C ALA D 13 14.70 -11.04 -30.35
N SER D 14 14.40 -11.50 -31.55
CA SER D 14 15.43 -11.83 -32.52
C SER D 14 15.89 -10.57 -33.27
N LEU D 15 17.03 -10.69 -33.94
CA LEU D 15 17.52 -9.61 -34.78
C LEU D 15 16.57 -9.38 -35.95
N GLY D 16 16.31 -8.12 -36.26
CA GLY D 16 15.42 -7.77 -37.34
C GLY D 16 13.94 -7.87 -37.01
N ASP D 17 13.58 -8.32 -35.82
CA ASP D 17 12.19 -8.40 -35.42
C ASP D 17 11.59 -7.00 -35.24
N ARG D 18 10.26 -6.96 -35.19
CA ARG D 18 9.53 -5.74 -34.87
C ARG D 18 9.19 -5.78 -33.37
N VAL D 19 9.80 -4.90 -32.60
CA VAL D 19 9.68 -4.89 -31.15
C VAL D 19 8.87 -3.67 -30.73
N THR D 20 7.82 -3.91 -29.95
CA THR D 20 7.00 -2.83 -29.38
C THR D 20 6.91 -3.03 -27.88
N ILE D 21 7.23 -2.00 -27.11
CA ILE D 21 7.09 -2.00 -25.66
C ILE D 21 6.01 -1.02 -25.27
N SER D 22 5.34 -1.29 -24.16
CA SER D 22 4.17 -0.54 -23.74
C SER D 22 4.48 0.31 -22.51
N CYS D 23 3.81 1.45 -22.42
CA CYS D 23 3.93 2.36 -21.27
C CYS D 23 2.54 2.90 -20.97
N SER D 24 2.01 2.53 -19.80
CA SER D 24 0.67 2.96 -19.39
C SER D 24 0.77 3.89 -18.19
N ALA D 25 -0.09 4.89 -18.16
CA ALA D 25 -0.15 5.87 -17.09
C ALA D 25 -1.44 5.71 -16.30
N SER D 26 -1.37 6.01 -15.00
CA SER D 26 -2.55 5.87 -14.15
C SER D 26 -3.64 6.86 -14.52
N GLN D 27 -3.28 8.01 -15.10
CA GLN D 27 -4.24 8.98 -15.58
C GLN D 27 -3.78 9.53 -16.91
N GLY D 28 -4.71 10.15 -17.64
CA GLY D 28 -4.39 10.73 -18.93
C GLY D 28 -3.33 11.81 -18.86
N ILE D 29 -2.28 11.69 -19.66
CA ILE D 29 -1.18 12.64 -19.67
C ILE D 29 -1.11 13.44 -20.95
N SER D 30 -2.03 13.21 -21.89
CA SER D 30 -2.16 14.02 -23.11
C SER D 30 -0.84 14.13 -23.88
N ASN D 31 -0.26 12.96 -24.18
CA ASN D 31 0.91 12.83 -25.03
C ASN D 31 2.15 13.51 -24.47
N TYR D 32 2.20 13.76 -23.16
CA TYR D 32 3.39 14.34 -22.53
C TYR D 32 4.28 13.22 -21.99
N LEU D 33 4.90 12.49 -22.93
CA LEU D 33 5.69 11.33 -22.59
C LEU D 33 6.98 11.32 -23.40
N ASN D 34 8.08 10.99 -22.75
CA ASN D 34 9.39 10.87 -23.38
C ASN D 34 9.91 9.45 -23.22
N TRP D 35 10.79 9.04 -24.14
CA TRP D 35 11.40 7.72 -24.12
C TRP D 35 12.91 7.87 -23.99
N TYR D 36 13.51 7.11 -23.08
CA TYR D 36 14.95 7.12 -22.87
C TYR D 36 15.51 5.71 -22.97
N GLN D 37 16.77 5.62 -23.38
CA GLN D 37 17.48 4.36 -23.52
C GLN D 37 18.68 4.37 -22.61
N GLN D 38 18.79 3.35 -21.75
CA GLN D 38 19.92 3.19 -20.85
C GLN D 38 20.74 1.98 -21.29
N LYS D 39 21.94 2.24 -21.80
CA LYS D 39 22.85 1.18 -22.19
C LYS D 39 23.30 0.40 -20.95
N PRO D 40 23.79 -0.83 -21.13
CA PRO D 40 24.25 -1.61 -19.97
C PRO D 40 25.36 -0.93 -19.19
N ASP D 41 26.16 -0.07 -19.81
CA ASP D 41 27.23 0.62 -19.09
C ASP D 41 26.73 1.83 -18.32
N GLY D 42 25.43 2.11 -18.32
CA GLY D 42 24.86 3.20 -17.56
C GLY D 42 24.53 4.43 -18.37
N THR D 43 24.97 4.51 -19.64
CA THR D 43 24.73 5.68 -20.45
C THR D 43 23.24 5.83 -20.77
N VAL D 44 22.72 7.03 -20.61
CA VAL D 44 21.31 7.34 -20.89
C VAL D 44 21.25 8.39 -22.00
N LYS D 45 20.38 8.16 -22.97
CA LYS D 45 20.17 9.11 -24.06
C LYS D 45 18.68 9.23 -24.35
N LEU D 46 18.28 10.43 -24.77
CA LEU D 46 16.90 10.67 -25.15
C LEU D 46 16.63 10.06 -26.53
N LEU D 47 15.52 9.34 -26.64
CA LEU D 47 15.12 8.73 -27.90
C LEU D 47 13.99 9.51 -28.58
N ILE D 48 12.89 9.74 -27.86
CA ILE D 48 11.69 10.35 -28.41
C ILE D 48 11.08 11.26 -27.36
N TYR D 49 10.66 12.45 -27.77
CA TYR D 49 9.95 13.36 -26.90
C TYR D 49 8.61 13.73 -27.54
N TYR D 50 7.64 14.09 -26.68
CA TYR D 50 6.26 14.36 -27.09
C TYR D 50 5.61 13.14 -27.76
N THR D 51 6.11 11.95 -27.41
CA THR D 51 5.58 10.64 -27.78
C THR D 51 5.78 10.26 -29.24
N SER D 52 6.19 11.21 -30.09
CA SER D 52 6.43 10.86 -31.50
C SER D 52 7.65 11.53 -32.13
N THR D 53 8.22 12.56 -31.53
CA THR D 53 9.27 13.34 -32.19
C THR D 53 10.63 12.71 -31.92
N LEU D 54 11.32 12.31 -32.98
CA LEU D 54 12.64 11.72 -32.84
C LEU D 54 13.67 12.78 -32.51
N HIS D 55 14.49 12.53 -31.49
CA HIS D 55 15.60 13.41 -31.19
C HIS D 55 16.69 13.25 -32.24
N SER D 56 17.47 14.31 -32.42
CA SER D 56 18.53 14.30 -33.43
C SER D 56 19.55 13.20 -33.12
N GLY D 57 19.96 12.49 -34.16
CA GLY D 57 20.92 11.42 -34.03
C GLY D 57 20.33 10.06 -33.71
N VAL D 58 19.05 9.99 -33.40
CA VAL D 58 18.40 8.70 -33.13
C VAL D 58 18.07 8.03 -34.46
N PRO D 59 18.41 6.75 -34.64
CA PRO D 59 18.11 6.08 -35.91
C PRO D 59 16.62 6.09 -36.21
N SER D 60 16.29 6.12 -37.50
CA SER D 60 14.89 6.25 -37.93
C SER D 60 14.05 5.04 -37.56
N ARG D 61 14.67 3.91 -37.20
CA ARG D 61 13.91 2.72 -36.84
C ARG D 61 13.17 2.87 -35.52
N PHE D 62 13.47 3.90 -34.73
CA PHE D 62 12.73 4.19 -33.52
C PHE D 62 11.53 5.08 -33.85
N SER D 63 10.35 4.69 -33.37
CA SER D 63 9.15 5.48 -33.56
C SER D 63 8.27 5.33 -32.33
N GLY D 64 7.49 6.37 -32.05
CA GLY D 64 6.62 6.37 -30.89
C GLY D 64 5.19 6.64 -31.28
N SER D 65 4.27 6.09 -30.49
CA SER D 65 2.85 6.23 -30.76
C SER D 65 2.09 6.16 -29.44
N GLY D 66 0.84 6.61 -29.48
CA GLY D 66 -0.04 6.52 -28.31
C GLY D 66 -0.83 7.76 -28.03
N SER D 67 -1.81 7.64 -27.12
CA SER D 67 -2.63 8.78 -26.70
C SER D 67 -3.27 8.43 -25.38
N GLY D 68 -3.74 9.46 -24.68
CA GLY D 68 -4.42 9.25 -23.41
C GLY D 68 -3.53 8.64 -22.36
N THR D 69 -3.76 7.35 -22.05
CA THR D 69 -3.01 6.65 -21.04
C THR D 69 -2.08 5.57 -21.59
N ASP D 70 -2.27 5.14 -22.82
CA ASP D 70 -1.55 4.01 -23.40
C ASP D 70 -0.60 4.51 -24.48
N TYR D 71 0.69 4.26 -24.29
CA TYR D 71 1.73 4.68 -25.24
C TYR D 71 2.68 3.53 -25.51
N THR D 72 3.31 3.56 -26.67
CA THR D 72 4.20 2.48 -27.10
C THR D 72 5.47 3.06 -27.71
N LEU D 73 6.53 2.26 -27.66
CA LEU D 73 7.77 2.53 -28.37
C LEU D 73 8.09 1.33 -29.26
N THR D 74 8.32 1.58 -30.54
CA THR D 74 8.50 0.52 -31.52
C THR D 74 9.88 0.61 -32.16
N ILE D 75 10.60 -0.50 -32.12
CA ILE D 75 11.84 -0.67 -32.86
C ILE D 75 11.50 -1.49 -34.11
N SER D 76 11.53 -0.83 -35.27
CA SER D 76 11.03 -1.45 -36.50
C SER D 76 11.87 -2.67 -36.89
N SER D 77 13.19 -2.58 -36.74
CA SER D 77 14.09 -3.69 -37.06
C SER D 77 15.15 -3.76 -35.98
N LEU D 78 15.10 -4.82 -35.17
CA LEU D 78 15.98 -4.91 -34.01
C LEU D 78 17.44 -5.10 -34.43
N GLN D 79 18.33 -4.35 -33.81
CA GLN D 79 19.76 -4.38 -34.05
C GLN D 79 20.50 -4.81 -32.79
N PRO D 80 21.69 -5.40 -32.92
CA PRO D 80 22.41 -5.85 -31.72
C PRO D 80 22.76 -4.72 -30.76
N GLU D 81 22.99 -3.52 -31.26
CA GLU D 81 23.32 -2.40 -30.37
C GLU D 81 22.13 -1.92 -29.55
N ASP D 82 20.93 -2.43 -29.82
CA ASP D 82 19.73 -2.02 -29.09
C ASP D 82 19.59 -2.72 -27.75
N ILE D 83 20.58 -3.48 -27.31
CA ILE D 83 20.54 -4.10 -25.98
C ILE D 83 20.60 -2.99 -24.94
N ALA D 84 19.51 -2.80 -24.20
CA ALA D 84 19.43 -1.70 -23.25
C ALA D 84 18.14 -1.86 -22.45
N THR D 85 17.96 -0.98 -21.47
CA THR D 85 16.72 -0.84 -20.73
C THR D 85 16.07 0.47 -21.14
N TYR D 86 14.79 0.41 -21.54
CA TYR D 86 14.08 1.56 -22.07
C TYR D 86 13.09 2.08 -21.04
N TYR D 87 13.12 3.39 -20.81
CA TYR D 87 12.30 4.04 -19.81
C TYR D 87 11.39 5.06 -20.47
N CYS D 88 10.12 5.07 -20.09
CA CYS D 88 9.21 6.14 -20.47
C CYS D 88 9.08 7.12 -19.30
N GLN D 89 8.89 8.39 -19.64
CA GLN D 89 8.87 9.46 -18.64
C GLN D 89 7.75 10.43 -18.99
N GLN D 90 6.89 10.70 -18.02
CA GLN D 90 5.79 11.64 -18.18
C GLN D 90 6.19 13.00 -17.63
N TYR D 91 5.75 14.05 -18.31
CA TYR D 91 5.93 15.42 -17.82
C TYR D 91 4.60 16.18 -17.84
N SER D 92 3.50 15.47 -17.65
CA SER D 92 2.20 16.12 -17.57
C SER D 92 2.07 16.91 -16.27
N LYS D 93 2.43 16.30 -15.14
CA LYS D 93 2.35 16.94 -13.85
C LYS D 93 3.63 16.67 -13.07
N LEU D 94 4.06 17.66 -12.29
CA LEU D 94 5.16 17.43 -11.36
C LEU D 94 4.64 16.64 -10.15
N PRO D 95 5.47 15.76 -9.57
CA PRO D 95 6.83 15.44 -10.00
C PRO D 95 6.89 14.51 -11.20
N TRP D 96 7.86 14.71 -12.08
CA TRP D 96 8.01 13.86 -13.25
C TRP D 96 8.47 12.46 -12.81
N THR D 97 7.82 11.44 -13.37
CA THR D 97 8.02 10.07 -12.93
C THR D 97 8.34 9.20 -14.13
N PHE D 98 9.20 8.21 -13.90
CA PHE D 98 9.61 7.25 -14.91
C PHE D 98 8.83 5.95 -14.77
N GLY D 99 8.77 5.21 -15.87
CA GLY D 99 8.27 3.85 -15.81
C GLY D 99 9.27 2.92 -15.17
N GLY D 100 8.84 1.68 -14.95
CA GLY D 100 9.71 0.68 -14.36
C GLY D 100 10.86 0.24 -15.25
N GLY D 101 10.80 0.56 -16.54
CA GLY D 101 11.83 0.14 -17.46
C GLY D 101 11.55 -1.21 -18.08
N THR D 102 11.98 -1.36 -19.33
CA THR D 102 11.86 -2.61 -20.06
C THR D 102 13.24 -3.03 -20.56
N LYS D 103 13.73 -4.16 -20.06
CA LYS D 103 15.02 -4.68 -20.47
C LYS D 103 14.87 -5.47 -21.76
N LEU D 104 15.67 -5.11 -22.76
CA LEU D 104 15.62 -5.74 -24.07
C LEU D 104 16.88 -6.58 -24.27
N GLU D 105 16.69 -7.86 -24.61
CA GLU D 105 17.77 -8.79 -24.86
C GLU D 105 17.56 -9.47 -26.21
N ILE D 106 18.65 -9.88 -26.82
CA ILE D 106 18.64 -10.43 -28.19
C ILE D 106 18.69 -11.94 -28.11
N LYS D 107 17.80 -12.60 -28.85
CA LYS D 107 17.92 -14.04 -29.06
C LYS D 107 18.99 -14.32 -30.11
N ARG D 108 19.72 -15.41 -29.93
CA ARG D 108 20.87 -15.71 -30.78
C ARG D 108 20.98 -17.20 -30.99
N THR D 109 21.74 -17.57 -32.03
CA THR D 109 22.15 -18.96 -32.19
C THR D 109 23.16 -19.32 -31.11
N VAL D 110 23.23 -20.61 -30.79
CA VAL D 110 24.05 -21.06 -29.68
C VAL D 110 25.53 -20.79 -29.96
N ALA D 111 26.28 -20.46 -28.91
CA ALA D 111 27.70 -20.19 -29.00
C ALA D 111 28.39 -20.78 -27.78
N ALA D 112 29.35 -21.68 -28.02
CA ALA D 112 30.04 -22.36 -26.93
C ALA D 112 31.10 -21.44 -26.32
N PRO D 113 31.29 -21.49 -25.01
CA PRO D 113 32.30 -20.62 -24.37
C PRO D 113 33.71 -21.12 -24.62
N SER D 114 34.64 -20.17 -24.54
CA SER D 114 36.07 -20.47 -24.52
C SER D 114 36.55 -20.36 -23.08
N VAL D 115 37.21 -21.40 -22.58
CA VAL D 115 37.53 -21.54 -21.18
C VAL D 115 39.03 -21.29 -20.97
N PHE D 116 39.35 -20.53 -19.94
CA PHE D 116 40.72 -20.30 -19.50
C PHE D 116 40.77 -20.39 -17.99
N ILE D 117 41.91 -20.84 -17.47
CA ILE D 117 42.12 -20.94 -16.03
C ILE D 117 43.37 -20.14 -15.67
N PHE D 118 43.35 -19.50 -14.50
CA PHE D 118 44.44 -18.64 -14.07
C PHE D 118 44.86 -19.03 -12.66
N PRO D 119 46.14 -19.33 -12.44
CA PRO D 119 46.63 -19.57 -11.09
C PRO D 119 46.80 -18.26 -10.34
N PRO D 120 46.87 -18.30 -9.01
CA PRO D 120 47.12 -17.07 -8.26
C PRO D 120 48.55 -16.59 -8.44
N SER D 121 48.71 -15.27 -8.44
CA SER D 121 50.02 -14.67 -8.65
C SER D 121 50.92 -14.90 -7.44
N ASP D 122 52.23 -14.77 -7.68
CA ASP D 122 53.19 -14.87 -6.59
C ASP D 122 52.98 -13.78 -5.55
N GLU D 123 52.53 -12.60 -5.99
CA GLU D 123 52.34 -11.48 -5.06
C GLU D 123 51.23 -11.76 -4.06
N GLN D 124 50.13 -12.37 -4.52
CA GLN D 124 49.03 -12.68 -3.61
C GLN D 124 49.38 -13.84 -2.69
N LEU D 125 50.19 -14.79 -3.17
CA LEU D 125 50.55 -15.94 -2.34
C LEU D 125 51.34 -15.51 -1.11
N LYS D 126 52.24 -14.54 -1.27
CA LYS D 126 53.00 -14.03 -0.13
C LYS D 126 52.12 -13.28 0.87
N SER D 127 50.87 -12.97 0.51
CA SER D 127 49.98 -12.27 1.43
C SER D 127 49.31 -13.22 2.40
N GLY D 128 48.83 -14.36 1.91
CA GLY D 128 48.20 -15.34 2.77
C GLY D 128 47.00 -16.02 2.13
N THR D 129 46.57 -15.52 0.98
CA THR D 129 45.41 -16.06 0.28
C THR D 129 45.79 -16.40 -1.15
N ALA D 130 44.95 -17.20 -1.79
CA ALA D 130 45.14 -17.62 -3.17
C ALA D 130 43.81 -17.61 -3.89
N SER D 131 43.74 -16.88 -5.01
CA SER D 131 42.54 -16.78 -5.82
C SER D 131 42.79 -17.45 -7.17
N VAL D 132 41.99 -18.47 -7.49
CA VAL D 132 42.04 -19.16 -8.76
C VAL D 132 40.84 -18.72 -9.58
N VAL D 133 41.08 -18.27 -10.81
CA VAL D 133 40.06 -17.65 -11.64
C VAL D 133 39.85 -18.49 -12.88
N CYS D 134 38.58 -18.75 -13.20
CA CYS D 134 38.18 -19.46 -14.41
C CYS D 134 37.34 -18.53 -15.27
N LEU D 135 37.72 -18.39 -16.54
CA LEU D 135 37.09 -17.44 -17.46
C LEU D 135 36.28 -18.19 -18.51
N LEU D 136 35.01 -17.79 -18.67
CA LEU D 136 34.13 -18.29 -19.71
C LEU D 136 33.82 -17.12 -20.63
N ASN D 137 34.16 -17.26 -21.91
CA ASN D 137 34.21 -16.13 -22.82
C ASN D 137 33.27 -16.32 -24.00
N ASN D 138 32.43 -15.31 -24.26
CA ASN D 138 31.69 -15.16 -25.51
C ASN D 138 30.81 -16.39 -25.79
N PHE D 139 29.87 -16.64 -24.88
CA PHE D 139 28.95 -17.75 -25.01
C PHE D 139 27.50 -17.27 -24.97
N TYR D 140 26.59 -18.17 -25.32
CA TYR D 140 25.16 -17.92 -25.36
C TYR D 140 24.48 -19.27 -25.44
N PRO D 141 23.40 -19.52 -24.68
CA PRO D 141 22.74 -18.57 -23.77
C PRO D 141 23.46 -18.33 -22.45
N ARG D 142 22.84 -17.52 -21.59
CA ARG D 142 23.47 -17.09 -20.35
C ARG D 142 23.66 -18.24 -19.36
N GLU D 143 22.88 -19.31 -19.48
CA GLU D 143 22.95 -20.40 -18.52
C GLU D 143 24.27 -21.16 -18.67
N ALA D 144 25.02 -21.27 -17.59
CA ALA D 144 26.28 -21.98 -17.59
C ALA D 144 26.55 -22.54 -16.21
N LYS D 145 27.31 -23.63 -16.15
CA LYS D 145 27.66 -24.29 -14.89
C LYS D 145 29.17 -24.39 -14.79
N VAL D 146 29.72 -23.82 -13.72
CA VAL D 146 31.16 -23.87 -13.45
C VAL D 146 31.36 -24.68 -12.17
N GLN D 147 32.21 -25.70 -12.25
CA GLN D 147 32.47 -26.59 -11.13
C GLN D 147 33.98 -26.65 -10.88
N TRP D 148 34.39 -26.35 -9.65
CA TRP D 148 35.79 -26.36 -9.28
C TRP D 148 36.20 -27.72 -8.72
N LYS D 149 37.37 -28.19 -9.14
CA LYS D 149 37.93 -29.45 -8.68
C LYS D 149 39.33 -29.20 -8.15
N VAL D 150 39.59 -29.67 -6.93
CA VAL D 150 40.91 -29.57 -6.31
C VAL D 150 41.34 -30.98 -5.96
N ASP D 151 42.29 -31.52 -6.71
CA ASP D 151 42.65 -32.95 -6.66
C ASP D 151 41.41 -33.82 -6.92
N ASN D 152 40.64 -33.44 -7.93
CA ASN D 152 39.40 -34.10 -8.34
C ASN D 152 38.33 -34.08 -7.26
N ALA D 153 38.53 -33.34 -6.18
CA ALA D 153 37.52 -33.22 -5.13
C ALA D 153 36.66 -31.99 -5.40
N LEU D 154 35.36 -32.22 -5.61
CA LEU D 154 34.46 -31.13 -5.94
C LEU D 154 34.38 -30.12 -4.79
N GLN D 155 34.45 -28.84 -5.13
CA GLN D 155 34.41 -27.76 -4.17
C GLN D 155 33.01 -27.19 -4.05
N SER D 156 32.79 -26.44 -2.97
CA SER D 156 31.49 -25.83 -2.71
C SER D 156 31.65 -24.79 -1.62
N GLY D 157 31.02 -23.63 -1.80
CA GLY D 157 31.02 -22.58 -0.81
C GLY D 157 32.25 -21.72 -0.77
N ASN D 158 33.23 -21.95 -1.65
CA ASN D 158 34.47 -21.19 -1.67
C ASN D 158 34.70 -20.51 -3.01
N SER D 159 33.63 -20.20 -3.74
CA SER D 159 33.74 -19.58 -5.06
C SER D 159 32.64 -18.56 -5.25
N GLN D 160 32.95 -17.50 -5.99
CA GLN D 160 32.00 -16.49 -6.39
C GLN D 160 32.13 -16.23 -7.88
N GLU D 161 31.01 -15.92 -8.53
CA GLU D 161 31.02 -15.69 -9.97
C GLU D 161 30.15 -14.47 -10.31
N SER D 162 30.44 -13.89 -11.46
CA SER D 162 29.67 -12.77 -11.99
C SER D 162 29.69 -12.84 -13.50
N VAL D 163 28.62 -12.33 -14.12
CA VAL D 163 28.43 -12.40 -15.57
C VAL D 163 28.36 -10.99 -16.12
N THR D 164 28.96 -10.78 -17.29
CA THR D 164 28.82 -9.51 -17.98
C THR D 164 27.45 -9.41 -18.63
N GLU D 165 27.07 -8.18 -18.96
CA GLU D 165 25.86 -7.97 -19.75
C GLU D 165 26.07 -8.45 -21.17
N GLN D 166 24.97 -8.60 -21.89
CA GLN D 166 25.04 -9.03 -23.29
C GLN D 166 25.81 -8.00 -24.11
N ASP D 167 26.79 -8.47 -24.87
CA ASP D 167 27.66 -7.58 -25.63
C ASP D 167 26.88 -6.87 -26.72
N SER D 168 27.25 -5.61 -26.97
CA SER D 168 26.51 -4.78 -27.93
C SER D 168 26.72 -5.23 -29.38
N LYS D 169 27.72 -6.05 -29.65
CA LYS D 169 28.08 -6.42 -31.01
C LYS D 169 27.67 -7.83 -31.39
N ASP D 170 28.02 -8.83 -30.58
CA ASP D 170 27.76 -10.23 -30.92
C ASP D 170 26.79 -10.91 -29.97
N SER D 171 26.17 -10.16 -29.06
CA SER D 171 25.08 -10.66 -28.23
C SER D 171 25.50 -11.85 -27.37
N THR D 172 26.75 -11.83 -26.89
CA THR D 172 27.28 -12.90 -26.07
C THR D 172 27.44 -12.45 -24.62
N TYR D 173 27.60 -13.43 -23.74
CA TYR D 173 27.87 -13.20 -22.34
C TYR D 173 29.25 -13.76 -22.00
N SER D 174 29.83 -13.24 -20.92
CA SER D 174 31.10 -13.72 -20.39
C SER D 174 30.99 -13.86 -18.88
N LEU D 175 31.61 -14.92 -18.35
CA LEU D 175 31.51 -15.24 -16.94
C LEU D 175 32.91 -15.44 -16.36
N SER D 176 33.05 -15.12 -15.08
CA SER D 176 34.29 -15.33 -14.35
C SER D 176 33.96 -15.95 -13.00
N SER D 177 34.69 -17.00 -12.63
CA SER D 177 34.50 -17.69 -11.36
C SER D 177 35.82 -17.68 -10.59
N THR D 178 35.79 -17.16 -9.38
CA THR D 178 36.99 -17.01 -8.55
C THR D 178 36.88 -17.97 -7.36
N LEU D 179 37.77 -18.95 -7.32
CA LEU D 179 37.88 -19.85 -6.18
C LEU D 179 38.89 -19.27 -5.19
N THR D 180 38.44 -19.02 -3.96
CA THR D 180 39.27 -18.38 -2.94
C THR D 180 39.70 -19.40 -1.91
N LEU D 181 41.00 -19.50 -1.68
CA LEU D 181 41.56 -20.42 -0.70
C LEU D 181 42.65 -19.70 0.09
N SER D 182 42.92 -20.20 1.29
CA SER D 182 44.04 -19.72 2.06
C SER D 182 45.35 -20.26 1.48
N LYS D 183 46.46 -19.72 1.96
CA LYS D 183 47.77 -20.16 1.47
C LYS D 183 48.04 -21.62 1.84
N ALA D 184 47.73 -21.99 3.09
CA ALA D 184 47.98 -23.37 3.53
C ALA D 184 47.12 -24.36 2.76
N ASP D 185 45.83 -24.03 2.58
CA ASP D 185 44.94 -24.93 1.84
C ASP D 185 45.33 -25.04 0.38
N TYR D 186 45.84 -23.96 -0.22
CA TYR D 186 46.25 -24.02 -1.61
C TYR D 186 47.46 -24.91 -1.81
N GLU D 187 48.37 -24.96 -0.83
CA GLU D 187 49.58 -25.74 -0.96
C GLU D 187 49.34 -27.23 -0.74
N LYS D 188 48.31 -27.59 0.03
CA LYS D 188 48.04 -28.99 0.32
C LYS D 188 47.56 -29.78 -0.90
N HIS D 189 47.43 -29.16 -2.06
CA HIS D 189 46.87 -29.82 -3.22
C HIS D 189 47.66 -29.45 -4.46
N LYS D 190 47.50 -30.25 -5.52
CA LYS D 190 48.32 -30.11 -6.71
C LYS D 190 47.50 -29.72 -7.94
N VAL D 191 46.45 -30.46 -8.29
CA VAL D 191 45.71 -30.26 -9.52
C VAL D 191 44.51 -29.36 -9.24
N TYR D 192 44.40 -28.27 -9.98
CA TYR D 192 43.28 -27.34 -9.90
C TYR D 192 42.63 -27.26 -11.26
N ALA D 193 41.35 -27.63 -11.35
CA ALA D 193 40.65 -27.76 -12.61
C ALA D 193 39.32 -27.02 -12.56
N CYS D 194 38.87 -26.59 -13.73
CA CYS D 194 37.59 -25.89 -13.89
C CYS D 194 36.80 -26.59 -14.99
N GLU D 195 35.70 -27.24 -14.62
CA GLU D 195 34.83 -27.92 -15.58
C GLU D 195 33.65 -27.02 -15.92
N VAL D 196 33.42 -26.81 -17.21
CA VAL D 196 32.39 -25.92 -17.71
C VAL D 196 31.33 -26.75 -18.43
N THR D 197 30.07 -26.55 -18.06
CA THR D 197 28.93 -27.19 -18.71
C THR D 197 28.09 -26.12 -19.39
N HIS D 198 27.85 -26.30 -20.69
CA HIS D 198 27.08 -25.33 -21.46
C HIS D 198 26.34 -26.04 -22.57
N GLN D 199 25.23 -25.44 -23.02
CA GLN D 199 24.40 -26.04 -24.05
C GLN D 199 25.17 -26.24 -25.34
N GLY D 200 25.94 -25.23 -25.76
CA GLY D 200 26.74 -25.35 -26.97
C GLY D 200 27.97 -26.21 -26.84
N LEU D 201 28.18 -26.82 -25.68
CA LEU D 201 29.32 -27.70 -25.43
C LEU D 201 28.82 -29.14 -25.48
N SER D 202 29.30 -29.90 -26.47
CA SER D 202 28.82 -31.28 -26.65
C SER D 202 29.09 -32.11 -25.41
N SER D 203 30.20 -31.87 -24.72
CA SER D 203 30.52 -32.52 -23.46
C SER D 203 31.30 -31.53 -22.62
N PRO D 204 31.21 -31.61 -21.29
CA PRO D 204 31.86 -30.60 -20.44
C PRO D 204 33.36 -30.51 -20.69
N VAL D 205 33.83 -29.29 -20.92
CA VAL D 205 35.24 -29.01 -21.14
C VAL D 205 35.88 -28.65 -19.81
N THR D 206 37.07 -29.19 -19.57
CA THR D 206 37.81 -28.94 -18.35
C THR D 206 39.16 -28.34 -18.67
N LYS D 207 39.53 -27.29 -17.93
CA LYS D 207 40.85 -26.69 -18.00
C LYS D 207 41.51 -26.79 -16.64
N SER D 208 42.78 -27.16 -16.62
CA SER D 208 43.45 -27.48 -15.37
C SER D 208 44.90 -27.02 -15.41
N PHE D 209 45.45 -26.83 -14.21
CA PHE D 209 46.88 -26.57 -14.03
C PHE D 209 47.34 -27.25 -12.76
N ASN D 210 48.59 -27.68 -12.75
CA ASN D 210 49.20 -28.28 -11.56
C ASN D 210 50.00 -27.20 -10.83
N ARG D 211 49.88 -27.18 -9.51
CA ARG D 211 50.56 -26.17 -8.71
C ARG D 211 52.07 -26.32 -8.85
N GLY D 212 52.74 -25.21 -9.17
CA GLY D 212 54.17 -25.22 -9.38
C GLY D 212 54.62 -25.60 -10.77
N GLU D 213 53.70 -25.77 -11.71
CA GLU D 213 54.06 -26.14 -13.07
C GLU D 213 54.05 -24.93 -13.99
N GLN E 1 9.54 5.33 -8.62
CA GLN E 1 9.42 5.22 -7.17
C GLN E 1 8.29 4.27 -6.79
N VAL E 2 8.25 3.88 -5.53
CA VAL E 2 7.33 2.85 -5.07
C VAL E 2 5.95 3.43 -4.90
N GLN E 3 4.96 2.84 -5.59
CA GLN E 3 3.58 3.29 -5.50
C GLN E 3 2.66 2.14 -5.87
N LEU E 4 1.51 2.07 -5.21
CA LEU E 4 0.48 1.10 -5.52
C LEU E 4 -0.82 1.83 -5.86
N GLN E 5 -1.55 1.32 -6.85
CA GLN E 5 -2.80 1.93 -7.28
C GLN E 5 -3.80 0.85 -7.64
N GLU E 6 -4.95 0.86 -6.97
CA GLU E 6 -6.03 -0.04 -7.32
C GLU E 6 -6.84 0.54 -8.48
N SER E 7 -7.52 -0.34 -9.20
CA SER E 7 -8.38 0.09 -10.30
C SER E 7 -9.42 -0.99 -10.55
N GLY E 8 -10.53 -0.58 -11.18
CA GLY E 8 -11.61 -1.47 -11.47
C GLY E 8 -12.95 -0.76 -11.45
N PRO E 9 -14.02 -1.48 -11.79
CA PRO E 9 -15.34 -0.87 -11.80
C PRO E 9 -15.79 -0.46 -10.40
N GLY E 10 -16.59 0.59 -10.34
CA GLY E 10 -17.11 1.09 -9.07
C GLY E 10 -18.52 0.62 -8.80
N LEU E 11 -19.23 0.20 -9.85
CA LEU E 11 -20.60 -0.27 -9.73
C LEU E 11 -20.68 -1.69 -10.26
N VAL E 12 -21.14 -2.61 -9.42
CA VAL E 12 -21.32 -4.01 -9.79
C VAL E 12 -22.70 -4.45 -9.33
N LYS E 13 -23.47 -5.04 -10.24
CA LYS E 13 -24.81 -5.50 -9.91
C LYS E 13 -24.74 -6.88 -9.26
N PRO E 14 -25.83 -7.33 -8.61
CA PRO E 14 -25.81 -8.66 -8.01
C PRO E 14 -25.97 -9.78 -9.03
N SER E 15 -25.28 -9.63 -10.17
CA SER E 15 -24.76 -10.74 -10.97
C SER E 15 -23.26 -10.61 -10.75
N GLU E 16 -22.73 -11.49 -9.91
CA GLU E 16 -21.89 -11.07 -8.80
C GLU E 16 -20.40 -11.29 -9.00
N THR E 17 -19.83 -11.04 -10.17
CA THR E 17 -18.38 -11.16 -10.35
C THR E 17 -17.74 -9.77 -10.32
N LEU E 18 -16.91 -9.53 -9.30
CA LEU E 18 -16.14 -8.31 -9.15
C LEU E 18 -14.69 -8.57 -9.52
N SER E 19 -14.07 -7.64 -10.24
CA SER E 19 -12.68 -7.78 -10.67
C SER E 19 -11.97 -6.45 -10.48
N LEU E 20 -10.87 -6.47 -9.71
CA LEU E 20 -10.06 -5.30 -9.46
C LEU E 20 -8.62 -5.57 -9.88
N THR E 21 -7.84 -4.50 -9.99
CA THR E 21 -6.44 -4.59 -10.41
C THR E 21 -5.60 -3.71 -9.51
N CYS E 22 -4.48 -4.26 -9.03
CA CYS E 22 -3.49 -3.52 -8.24
C CYS E 22 -2.21 -3.43 -9.05
N THR E 23 -1.80 -2.21 -9.37
CA THR E 23 -0.59 -1.97 -10.15
C THR E 23 0.51 -1.45 -9.23
N VAL E 24 1.68 -2.09 -9.29
CA VAL E 24 2.81 -1.77 -8.44
C VAL E 24 3.88 -1.08 -9.28
N SER E 25 4.53 -0.07 -8.71
CA SER E 25 5.46 0.79 -9.45
C SER E 25 6.92 0.43 -9.19
N GLY E 26 7.35 0.49 -7.94
CA GLY E 26 8.75 0.30 -7.62
C GLY E 26 9.02 -0.91 -6.74
N SER E 27 8.34 -2.01 -7.03
CA SER E 27 8.47 -3.21 -6.21
C SER E 27 8.12 -4.42 -7.06
N SER E 28 9.12 -5.25 -7.35
CA SER E 28 8.89 -6.46 -8.12
C SER E 28 8.00 -7.43 -7.34
N LEU E 29 7.07 -8.06 -8.05
CA LEU E 29 6.16 -9.01 -7.42
C LEU E 29 6.83 -10.35 -7.16
N THR E 30 7.97 -10.64 -7.78
CA THR E 30 8.75 -11.82 -7.44
C THR E 30 9.55 -11.64 -6.16
N SER E 31 9.57 -10.43 -5.60
CA SER E 31 10.28 -10.15 -4.37
C SER E 31 9.38 -9.69 -3.22
N TYR E 32 8.13 -9.32 -3.50
CA TYR E 32 7.22 -8.81 -2.49
C TYR E 32 5.90 -9.56 -2.55
N GLY E 33 5.22 -9.60 -1.40
CA GLY E 33 3.84 -10.05 -1.37
C GLY E 33 2.87 -8.88 -1.52
N VAL E 34 1.64 -9.21 -1.89
CA VAL E 34 0.58 -8.22 -2.06
C VAL E 34 -0.66 -8.70 -1.31
N HIS E 35 -1.19 -7.84 -0.44
CA HIS E 35 -2.33 -8.16 0.40
C HIS E 35 -3.48 -7.22 0.07
N TRP E 36 -4.68 -7.78 -0.03
CA TRP E 36 -5.88 -6.99 -0.29
C TRP E 36 -6.65 -6.77 1.00
N VAL E 37 -7.04 -5.51 1.24
CA VAL E 37 -7.80 -5.13 2.43
C VAL E 37 -9.00 -4.30 1.97
N ARG E 38 -10.13 -4.46 2.63
CA ARG E 38 -11.32 -3.67 2.34
C ARG E 38 -11.85 -3.04 3.61
N GLN E 39 -12.46 -1.87 3.46
CA GLN E 39 -13.06 -1.14 4.58
C GLN E 39 -14.51 -0.80 4.24
N PRO E 40 -15.46 -1.52 4.79
CA PRO E 40 -16.88 -1.18 4.58
C PRO E 40 -17.19 0.19 5.15
N PRO E 41 -18.25 0.85 4.66
CA PRO E 41 -18.57 2.19 5.16
C PRO E 41 -18.85 2.17 6.66
N GLY E 42 -18.19 3.08 7.38
CA GLY E 42 -18.34 3.15 8.82
C GLY E 42 -17.81 1.93 9.54
N LYS E 43 -16.76 1.30 9.02
CA LYS E 43 -16.18 0.12 9.62
C LYS E 43 -14.67 0.21 9.50
N GLY E 44 -13.98 -0.80 10.05
CA GLY E 44 -12.53 -0.83 10.06
C GLY E 44 -11.96 -1.65 8.92
N LEU E 45 -10.63 -1.78 8.93
CA LEU E 45 -9.92 -2.50 7.89
C LEU E 45 -10.11 -4.00 8.05
N GLU E 46 -10.40 -4.67 6.93
CA GLU E 46 -10.62 -6.12 6.91
C GLU E 46 -9.80 -6.72 5.78
N GLY E 47 -8.81 -7.53 6.12
CA GLY E 47 -8.01 -8.19 5.11
C GLY E 47 -8.80 -9.26 4.37
N LEU E 48 -8.45 -9.45 3.10
CA LEU E 48 -9.12 -10.41 2.24
C LEU E 48 -8.23 -11.59 1.87
N GLY E 49 -7.01 -11.32 1.43
CA GLY E 49 -6.10 -12.38 1.05
C GLY E 49 -4.77 -11.81 0.65
N VAL E 50 -3.79 -12.71 0.52
CA VAL E 50 -2.43 -12.35 0.14
C VAL E 50 -1.95 -13.33 -0.91
N ILE E 51 -1.20 -12.83 -1.89
CA ILE E 51 -0.49 -13.66 -2.85
C ILE E 51 1.00 -13.42 -2.66
N TRP E 52 1.75 -14.49 -2.51
CA TRP E 52 3.16 -14.41 -2.16
C TRP E 52 4.02 -14.33 -3.41
N PRO E 53 5.30 -13.93 -3.27
CA PRO E 53 6.17 -13.86 -4.45
C PRO E 53 6.25 -15.14 -5.25
N GLY E 54 6.16 -16.30 -4.60
CA GLY E 54 6.16 -17.56 -5.31
C GLY E 54 4.87 -17.86 -6.06
N GLY E 55 3.81 -17.08 -5.83
CA GLY E 55 2.55 -17.25 -6.51
C GLY E 55 1.46 -17.90 -5.68
N SER E 56 1.82 -18.52 -4.56
CA SER E 56 0.81 -19.14 -3.71
C SER E 56 -0.02 -18.08 -3.00
N THR E 57 -1.23 -18.46 -2.59
CA THR E 57 -2.19 -17.54 -2.00
C THR E 57 -2.71 -18.09 -0.68
N ASN E 58 -3.19 -17.18 0.15
CA ASN E 58 -3.92 -17.52 1.37
C ASN E 58 -5.14 -16.61 1.46
N TYR E 59 -6.26 -17.17 1.88
CA TYR E 59 -7.53 -16.45 1.87
C TYR E 59 -8.18 -16.49 3.24
N ASN E 60 -8.99 -15.45 3.51
CA ASN E 60 -9.78 -15.41 4.72
C ASN E 60 -10.91 -16.42 4.64
N SER E 61 -11.15 -17.14 5.75
CA SER E 61 -12.21 -18.14 5.77
C SER E 61 -13.59 -17.50 5.67
N ALA E 62 -13.76 -16.32 6.28
CA ALA E 62 -15.06 -15.64 6.28
C ALA E 62 -15.51 -15.27 4.87
N LEU E 63 -14.59 -15.25 3.90
CA LEU E 63 -14.95 -14.96 2.52
C LEU E 63 -15.54 -16.16 1.79
N MET E 64 -15.68 -17.31 2.46
CA MET E 64 -16.36 -18.48 1.93
C MET E 64 -15.78 -18.91 0.58
N SER E 65 -14.47 -18.74 0.40
CA SER E 65 -13.74 -19.13 -0.80
C SER E 65 -14.27 -18.43 -2.06
N ARG E 66 -14.99 -17.32 -1.90
CA ARG E 66 -15.47 -16.55 -3.04
C ARG E 66 -14.39 -15.64 -3.61
N VAL E 67 -13.26 -15.50 -2.94
CA VAL E 67 -12.20 -14.56 -3.32
C VAL E 67 -11.04 -15.34 -3.91
N THR E 68 -10.58 -14.90 -5.08
CA THR E 68 -9.44 -15.50 -5.77
C THR E 68 -8.48 -14.39 -6.17
N ILE E 69 -7.19 -14.60 -5.91
CA ILE E 69 -6.15 -13.60 -6.16
C ILE E 69 -5.10 -14.20 -7.07
N SER E 70 -4.77 -13.49 -8.15
CA SER E 70 -3.74 -13.91 -9.08
C SER E 70 -2.91 -12.70 -9.46
N LYS E 71 -1.84 -12.93 -10.22
CA LYS E 71 -0.95 -11.85 -10.60
C LYS E 71 -0.24 -12.20 -11.91
N ASP E 72 0.27 -11.16 -12.57
CA ASP E 72 1.15 -11.30 -13.72
C ASP E 72 2.40 -10.47 -13.43
N ASN E 73 3.52 -11.14 -13.16
CA ASN E 73 4.73 -10.45 -12.76
C ASN E 73 5.24 -9.52 -13.84
N SER E 74 5.11 -9.92 -15.10
CA SER E 74 5.63 -9.10 -16.20
C SER E 74 4.82 -7.82 -16.38
N LYS E 75 3.55 -7.83 -16.01
CA LYS E 75 2.69 -6.65 -16.12
C LYS E 75 2.63 -5.84 -14.84
N SER E 76 3.28 -6.30 -13.77
CA SER E 76 3.27 -5.61 -12.48
C SER E 76 1.85 -5.43 -11.94
N GLN E 77 0.99 -6.40 -12.20
CA GLN E 77 -0.41 -6.32 -11.83
C GLN E 77 -0.80 -7.50 -10.95
N VAL E 78 -1.60 -7.21 -9.92
CA VAL E 78 -2.21 -8.21 -9.05
C VAL E 78 -3.71 -8.09 -9.18
N SER E 79 -4.39 -9.22 -9.43
CA SER E 79 -5.81 -9.24 -9.72
C SER E 79 -6.58 -9.79 -8.53
N LEU E 80 -7.76 -9.21 -8.28
CA LEU E 80 -8.67 -9.64 -7.24
C LEU E 80 -10.02 -9.94 -7.87
N LYS E 81 -10.50 -11.17 -7.70
CA LYS E 81 -11.79 -11.60 -8.21
C LYS E 81 -12.66 -12.06 -7.05
N MET E 82 -13.92 -11.62 -7.03
CA MET E 82 -14.85 -12.00 -5.98
C MET E 82 -16.21 -12.31 -6.60
N SER E 83 -16.80 -13.42 -6.18
CA SER E 83 -18.10 -13.86 -6.66
C SER E 83 -19.10 -13.86 -5.52
N SER E 84 -20.37 -14.08 -5.88
CA SER E 84 -21.48 -14.13 -4.92
C SER E 84 -21.52 -12.87 -4.04
N LEU E 85 -21.47 -11.73 -4.70
CA LEU E 85 -21.45 -10.44 -4.02
C LEU E 85 -22.82 -10.12 -3.42
N THR E 86 -22.81 -9.71 -2.15
CA THR E 86 -23.96 -9.10 -1.52
C THR E 86 -23.73 -7.60 -1.43
N ALA E 87 -24.76 -6.87 -1.00
CA ALA E 87 -24.56 -5.46 -0.66
C ALA E 87 -23.56 -5.30 0.48
N ALA E 88 -23.32 -6.37 1.25
CA ALA E 88 -22.31 -6.33 2.31
C ALA E 88 -20.90 -6.22 1.76
N ASP E 89 -20.71 -6.47 0.46
CA ASP E 89 -19.41 -6.36 -0.17
C ASP E 89 -19.13 -4.95 -0.70
N THR E 90 -20.03 -4.00 -0.44
CA THR E 90 -19.77 -2.61 -0.80
C THR E 90 -18.75 -2.02 0.16
N ALA E 91 -17.63 -1.54 -0.38
CA ALA E 91 -16.53 -1.01 0.42
C ALA E 91 -15.55 -0.33 -0.51
N VAL E 92 -14.51 0.26 0.09
CA VAL E 92 -13.33 0.71 -0.64
C VAL E 92 -12.23 -0.31 -0.42
N TYR E 93 -11.61 -0.76 -1.51
CA TYR E 93 -10.68 -1.87 -1.50
C TYR E 93 -9.25 -1.37 -1.64
N TYR E 94 -8.39 -1.78 -0.73
CA TYR E 94 -6.98 -1.43 -0.73
C TYR E 94 -6.14 -2.65 -1.10
N CYS E 95 -5.00 -2.38 -1.74
CA CYS E 95 -3.94 -3.36 -1.87
C CYS E 95 -2.68 -2.80 -1.23
N ALA E 96 -1.99 -3.64 -0.44
CA ALA E 96 -0.80 -3.23 0.27
C ALA E 96 0.35 -4.16 -0.07
N ARG E 97 1.56 -3.65 0.11
CA ARG E 97 2.78 -4.39 -0.17
C ARG E 97 3.29 -5.06 1.09
N VAL E 98 3.50 -6.38 1.02
CA VAL E 98 3.96 -7.15 2.17
C VAL E 98 5.48 -7.22 2.12
N THR E 99 6.13 -6.69 3.15
CA THR E 99 7.58 -6.61 3.22
C THR E 99 8.05 -7.15 4.56
N GLY E 100 9.27 -7.67 4.57
CA GLY E 100 9.80 -8.25 5.80
C GLY E 100 8.99 -9.47 6.20
N THR E 101 8.99 -9.75 7.49
CA THR E 101 8.19 -10.85 8.04
C THR E 101 7.48 -10.37 9.32
N TRP E 102 6.30 -9.75 9.18
CA TRP E 102 5.70 -9.29 7.93
C TRP E 102 5.00 -7.96 8.23
N TYR E 103 4.90 -7.07 7.24
CA TYR E 103 4.16 -5.82 7.46
C TYR E 103 3.78 -5.21 6.12
N PHE E 104 2.74 -4.38 6.17
CA PHE E 104 2.26 -3.64 4.99
C PHE E 104 2.93 -2.27 5.00
N ASP E 105 4.01 -2.12 4.23
CA ASP E 105 4.77 -0.88 4.26
C ASP E 105 4.33 0.13 3.21
N VAL E 106 3.64 -0.31 2.16
CA VAL E 106 3.15 0.58 1.11
C VAL E 106 1.70 0.26 0.83
N TRP E 107 0.84 1.27 0.90
CA TRP E 107 -0.60 1.12 0.69
C TRP E 107 -1.04 1.91 -0.53
N GLY E 108 -1.96 1.33 -1.30
CA GLY E 108 -2.62 2.08 -2.35
C GLY E 108 -3.68 3.01 -1.80
N GLN E 109 -4.13 3.95 -2.64
CA GLN E 109 -5.09 4.94 -2.19
C GLN E 109 -6.47 4.35 -1.97
N GLY E 110 -6.77 3.21 -2.57
CA GLY E 110 -8.07 2.58 -2.40
C GLY E 110 -9.00 2.88 -3.56
N THR E 111 -9.88 1.91 -3.85
CA THR E 111 -10.88 2.06 -4.89
C THR E 111 -12.24 1.67 -4.32
N THR E 112 -13.26 2.47 -4.62
CA THR E 112 -14.59 2.27 -4.06
C THR E 112 -15.42 1.38 -4.97
N VAL E 113 -16.05 0.37 -4.38
CA VAL E 113 -16.93 -0.55 -5.09
C VAL E 113 -18.30 -0.52 -4.44
N THR E 114 -19.34 -0.34 -5.25
CA THR E 114 -20.72 -0.35 -4.79
C THR E 114 -21.47 -1.49 -5.47
N VAL E 115 -22.15 -2.31 -4.68
CA VAL E 115 -22.92 -3.44 -5.19
C VAL E 115 -24.39 -3.05 -5.15
N SER E 116 -24.98 -2.88 -6.34
CA SER E 116 -26.37 -2.44 -6.45
C SER E 116 -26.84 -2.68 -7.88
N SER E 117 -28.16 -2.86 -8.03
CA SER E 117 -28.77 -3.00 -9.33
C SER E 117 -29.13 -1.66 -9.96
N ALA E 118 -29.00 -0.56 -9.22
CA ALA E 118 -29.32 0.75 -9.76
C ALA E 118 -28.32 1.14 -10.85
N SER E 119 -28.82 1.88 -11.84
CA SER E 119 -27.98 2.31 -12.94
C SER E 119 -27.10 3.48 -12.52
N THR E 120 -25.93 3.57 -13.16
CA THR E 120 -25.01 4.67 -12.88
C THR E 120 -25.48 5.93 -13.62
N LYS E 121 -25.47 7.06 -12.90
CA LYS E 121 -25.88 8.34 -13.46
C LYS E 121 -24.80 9.38 -13.20
N GLY E 122 -24.44 10.11 -14.24
CA GLY E 122 -23.47 11.18 -14.11
C GLY E 122 -24.06 12.38 -13.39
N PRO E 123 -23.21 13.19 -12.78
CA PRO E 123 -23.69 14.31 -11.97
C PRO E 123 -23.87 15.59 -12.79
N SER E 124 -24.62 16.50 -12.20
CA SER E 124 -24.75 17.87 -12.69
C SER E 124 -23.99 18.80 -11.76
N VAL E 125 -23.29 19.77 -12.33
CA VAL E 125 -22.48 20.72 -11.58
C VAL E 125 -23.10 22.10 -11.71
N PHE E 126 -23.32 22.75 -10.57
CA PHE E 126 -23.91 24.08 -10.52
C PHE E 126 -23.01 25.02 -9.73
N PRO E 127 -22.86 26.26 -10.19
CA PRO E 127 -22.01 27.22 -9.44
C PRO E 127 -22.63 27.58 -8.10
N LEU E 128 -21.76 27.87 -7.14
CA LEU E 128 -22.16 28.37 -5.82
C LEU E 128 -21.47 29.72 -5.64
N ALA E 129 -22.14 30.78 -6.10
CA ALA E 129 -21.67 32.14 -5.97
C ALA E 129 -22.70 32.97 -5.23
N PRO E 130 -22.25 33.94 -4.42
CA PRO E 130 -23.21 34.75 -3.64
C PRO E 130 -24.13 35.54 -4.55
N CYS E 131 -25.20 36.05 -3.95
CA CYS E 131 -26.20 36.80 -4.71
C CYS E 131 -25.59 38.05 -5.32
N SER E 132 -24.71 38.72 -4.58
CA SER E 132 -24.04 39.92 -5.09
C SER E 132 -22.69 40.06 -4.39
N ARG E 133 -21.75 40.70 -5.10
CA ARG E 133 -20.44 40.96 -4.52
C ARG E 133 -20.54 42.02 -3.44
N SER E 134 -19.99 41.73 -2.27
CA SER E 134 -20.03 42.64 -1.12
C SER E 134 -18.66 43.25 -0.92
N THR E 135 -18.59 44.58 -0.94
CA THR E 135 -17.32 45.27 -0.75
C THR E 135 -16.86 45.21 0.71
N SER E 136 -17.81 45.19 1.65
CA SER E 136 -17.44 45.20 3.07
C SER E 136 -16.72 43.92 3.46
N GLU E 137 -17.20 42.77 2.98
CA GLU E 137 -16.59 41.49 3.33
C GLU E 137 -15.28 41.33 2.57
N SER E 138 -14.18 41.19 3.32
CA SER E 138 -12.87 41.02 2.69
C SER E 138 -12.68 39.63 2.12
N THR E 139 -13.47 38.66 2.56
CA THR E 139 -13.39 37.28 2.08
C THR E 139 -14.73 36.85 1.52
N ALA E 140 -14.71 36.33 0.30
CA ALA E 140 -15.90 35.78 -0.34
C ALA E 140 -15.76 34.27 -0.49
N ALA E 141 -16.89 33.59 -0.55
CA ALA E 141 -16.92 32.14 -0.64
C ALA E 141 -17.42 31.72 -2.02
N LEU E 142 -16.63 30.89 -2.69
CA LEU E 142 -17.01 30.29 -3.96
C LEU E 142 -17.14 28.78 -3.80
N GLY E 143 -17.84 28.17 -4.75
CA GLY E 143 -18.03 26.74 -4.69
C GLY E 143 -18.83 26.26 -5.88
N CYS E 144 -19.05 24.94 -5.91
CA CYS E 144 -19.88 24.34 -6.95
C CYS E 144 -20.58 23.12 -6.38
N LEU E 145 -21.84 22.94 -6.77
CA LEU E 145 -22.69 21.86 -6.24
C LEU E 145 -22.72 20.72 -7.26
N VAL E 146 -22.32 19.54 -6.81
CA VAL E 146 -22.31 18.33 -7.63
C VAL E 146 -23.49 17.48 -7.19
N LYS E 147 -24.52 17.38 -8.04
CA LYS E 147 -25.81 16.84 -7.65
C LYS E 147 -26.21 15.66 -8.53
N ASP E 148 -26.93 14.72 -7.92
CA ASP E 148 -27.64 13.63 -8.62
C ASP E 148 -26.67 12.74 -9.40
N TYR E 149 -25.82 12.04 -8.65
CA TYR E 149 -24.93 11.04 -9.21
C TYR E 149 -25.00 9.75 -8.40
N PHE E 150 -24.56 8.66 -9.03
CA PHE E 150 -24.52 7.34 -8.43
C PHE E 150 -23.66 6.42 -9.29
N PRO E 151 -22.79 5.61 -8.71
CA PRO E 151 -22.49 5.48 -7.28
C PRO E 151 -21.67 6.64 -6.70
N GLU E 152 -21.18 6.45 -5.48
CA GLU E 152 -20.75 7.55 -4.61
C GLU E 152 -19.44 8.25 -4.97
N PRO E 153 -18.37 7.55 -5.42
CA PRO E 153 -17.08 8.25 -5.57
C PRO E 153 -17.10 9.39 -6.56
N VAL E 154 -16.92 10.61 -6.05
CA VAL E 154 -16.81 11.82 -6.85
C VAL E 154 -15.65 12.65 -6.32
N THR E 155 -14.77 13.08 -7.22
CA THR E 155 -13.62 13.90 -6.85
C THR E 155 -13.81 15.32 -7.38
N VAL E 156 -13.31 16.28 -6.61
CA VAL E 156 -13.39 17.70 -6.96
C VAL E 156 -12.03 18.33 -6.76
N SER E 157 -11.60 19.12 -7.75
CA SER E 157 -10.39 19.93 -7.65
C SER E 157 -10.68 21.32 -8.16
N TRP E 158 -9.88 22.28 -7.72
CA TRP E 158 -10.10 23.69 -8.02
C TRP E 158 -8.92 24.25 -8.80
N ASN E 159 -9.23 24.95 -9.89
CA ASN E 159 -8.22 25.50 -10.81
C ASN E 159 -7.23 24.41 -11.26
N SER E 160 -7.79 23.28 -11.68
CA SER E 160 -7.04 22.12 -12.15
C SER E 160 -6.03 21.63 -11.12
N GLY E 161 -6.27 21.87 -9.84
CA GLY E 161 -5.38 21.45 -8.77
C GLY E 161 -4.48 22.54 -8.23
N ALA E 162 -4.42 23.70 -8.89
CA ALA E 162 -3.51 24.75 -8.43
C ALA E 162 -4.01 25.40 -7.15
N LEU E 163 -5.32 25.39 -6.90
CA LEU E 163 -5.92 26.07 -5.77
C LEU E 163 -6.29 25.03 -4.70
N THR E 164 -5.55 25.02 -3.60
CA THR E 164 -5.84 24.13 -2.48
C THR E 164 -6.10 24.88 -1.17
N SER E 165 -5.63 26.11 -1.03
CA SER E 165 -5.83 26.86 0.19
C SER E 165 -7.30 27.23 0.34
N GLY E 166 -7.89 26.86 1.47
CA GLY E 166 -9.28 27.15 1.75
C GLY E 166 -10.27 26.26 1.03
N VAL E 167 -9.83 25.15 0.46
CA VAL E 167 -10.70 24.26 -0.29
C VAL E 167 -11.27 23.21 0.65
N HIS E 168 -12.59 23.20 0.82
CA HIS E 168 -13.30 22.22 1.62
C HIS E 168 -14.29 21.48 0.74
N THR E 169 -14.07 20.19 0.54
CA THR E 169 -15.01 19.34 -0.17
C THR E 169 -15.75 18.49 0.85
N PHE E 170 -17.08 18.57 0.83
CA PHE E 170 -17.90 17.94 1.86
C PHE E 170 -18.25 16.51 1.51
N PRO E 171 -18.43 15.66 2.52
CA PRO E 171 -18.90 14.29 2.26
C PRO E 171 -20.26 14.30 1.57
N ALA E 172 -20.50 13.25 0.78
CA ALA E 172 -21.74 13.14 0.04
C ALA E 172 -22.91 12.87 0.98
N VAL E 173 -24.11 13.26 0.54
CA VAL E 173 -25.35 12.97 1.25
C VAL E 173 -26.24 12.18 0.32
N LEU E 174 -27.06 11.31 0.91
CA LEU E 174 -27.99 10.46 0.15
C LEU E 174 -29.35 11.16 0.12
N GLN E 175 -29.75 11.60 -1.07
CA GLN E 175 -31.03 12.26 -1.24
C GLN E 175 -32.16 11.24 -1.22
N SER E 176 -33.39 11.74 -1.05
CA SER E 176 -34.55 10.88 -1.02
C SER E 176 -34.74 10.10 -2.31
N SER E 177 -34.22 10.61 -3.43
CA SER E 177 -34.29 9.91 -4.70
C SER E 177 -33.35 8.71 -4.77
N GLY E 178 -32.47 8.55 -3.78
CA GLY E 178 -31.43 7.54 -3.83
C GLY E 178 -30.17 7.98 -4.54
N LEU E 179 -30.12 9.22 -5.00
CA LEU E 179 -28.96 9.77 -5.71
C LEU E 179 -28.14 10.63 -4.77
N TYR E 180 -26.83 10.56 -4.91
CA TYR E 180 -25.92 11.29 -4.04
C TYR E 180 -25.69 12.71 -4.55
N SER E 181 -25.21 13.56 -3.64
CA SER E 181 -24.83 14.93 -3.98
C SER E 181 -23.87 15.44 -2.91
N LEU E 182 -22.85 16.18 -3.35
CA LEU E 182 -21.91 16.79 -2.44
C LEU E 182 -21.63 18.22 -2.87
N SER E 183 -21.13 19.02 -1.93
CA SER E 183 -20.75 20.40 -2.18
C SER E 183 -19.26 20.55 -1.94
N SER E 184 -18.61 21.38 -2.76
CA SER E 184 -17.21 21.73 -2.59
C SER E 184 -17.09 23.24 -2.68
N VAL E 185 -16.44 23.84 -1.67
CA VAL E 185 -16.37 25.29 -1.55
C VAL E 185 -14.93 25.73 -1.34
N VAL E 186 -14.68 27.00 -1.62
CA VAL E 186 -13.37 27.60 -1.41
C VAL E 186 -13.56 29.06 -1.00
N THR E 187 -12.79 29.48 -0.01
CA THR E 187 -12.78 30.87 0.44
C THR E 187 -11.65 31.62 -0.24
N VAL E 188 -11.94 32.84 -0.69
CA VAL E 188 -10.98 33.63 -1.46
C VAL E 188 -10.98 35.05 -0.94
N PRO E 189 -9.89 35.79 -1.16
CA PRO E 189 -9.89 37.23 -0.89
C PRO E 189 -10.85 37.93 -1.85
N SER E 190 -11.80 38.68 -1.28
CA SER E 190 -12.84 39.31 -2.09
C SER E 190 -12.31 40.39 -3.01
N SER E 191 -11.15 40.97 -2.71
CA SER E 191 -10.60 42.02 -3.57
C SER E 191 -10.07 41.46 -4.89
N SER E 192 -9.85 40.15 -4.97
CA SER E 192 -9.23 39.52 -6.13
C SER E 192 -10.19 38.71 -6.98
N LEU E 193 -11.47 38.63 -6.60
CA LEU E 193 -12.40 37.75 -7.32
C LEU E 193 -12.69 38.24 -8.73
N GLY E 194 -12.55 39.53 -9.00
CA GLY E 194 -12.84 40.05 -10.33
C GLY E 194 -11.74 39.86 -11.35
N THR E 195 -10.54 39.45 -10.90
CA THR E 195 -9.39 39.31 -11.79
C THR E 195 -9.15 37.86 -12.18
N LYS E 196 -8.97 36.97 -11.21
CA LYS E 196 -8.66 35.58 -11.49
C LYS E 196 -9.94 34.76 -11.66
N THR E 197 -9.86 33.73 -12.49
CA THR E 197 -10.98 32.82 -12.72
C THR E 197 -10.88 31.62 -11.78
N TYR E 198 -12.03 31.14 -11.33
CA TYR E 198 -12.13 29.99 -10.45
C TYR E 198 -13.01 28.94 -11.10
N THR E 199 -12.47 27.73 -11.28
CA THR E 199 -13.18 26.64 -11.91
C THR E 199 -12.98 25.36 -11.12
N CYS E 200 -14.07 24.64 -10.85
CA CYS E 200 -14.01 23.39 -10.10
C CYS E 200 -14.03 22.23 -11.09
N ASN E 201 -13.14 21.26 -10.87
CA ASN E 201 -12.95 20.12 -11.78
C ASN E 201 -13.55 18.88 -11.13
N VAL E 202 -14.63 18.38 -11.71
CA VAL E 202 -15.38 17.25 -11.16
C VAL E 202 -15.14 16.03 -12.02
N ASP E 203 -14.74 14.93 -11.38
CA ASP E 203 -14.54 13.64 -12.05
C ASP E 203 -15.42 12.60 -11.40
N HIS E 204 -16.18 11.87 -12.21
CA HIS E 204 -17.02 10.76 -11.75
C HIS E 204 -16.73 9.58 -12.67
N LYS E 205 -15.80 8.72 -12.26
CA LYS E 205 -15.35 7.61 -13.09
C LYS E 205 -16.41 6.53 -13.35
N PRO E 206 -17.37 6.26 -12.46
CA PRO E 206 -18.35 5.20 -12.77
C PRO E 206 -19.22 5.51 -13.98
N SER E 207 -19.32 6.77 -14.39
CA SER E 207 -20.11 7.17 -15.54
C SER E 207 -19.28 7.73 -16.67
N ASN E 208 -17.95 7.59 -16.60
CA ASN E 208 -17.03 8.13 -17.60
C ASN E 208 -17.26 9.62 -17.80
N THR E 209 -17.43 10.34 -16.69
CA THR E 209 -17.89 11.73 -16.70
C THR E 209 -16.80 12.65 -16.17
N LYS E 210 -16.52 13.72 -16.92
CA LYS E 210 -15.67 14.81 -16.47
C LYS E 210 -16.33 16.12 -16.82
N VAL E 211 -16.41 17.03 -15.86
CA VAL E 211 -17.09 18.32 -16.04
C VAL E 211 -16.24 19.40 -15.39
N ASP E 212 -16.06 20.52 -16.09
CA ASP E 212 -15.30 21.67 -15.61
C ASP E 212 -16.21 22.90 -15.67
N LYS E 213 -16.70 23.33 -14.51
CA LYS E 213 -17.63 24.44 -14.42
C LYS E 213 -16.92 25.68 -13.87
N ARG E 214 -17.03 26.80 -14.59
CA ARG E 214 -16.48 28.05 -14.11
C ARG E 214 -17.43 28.73 -13.14
N VAL E 215 -16.87 29.36 -12.11
CA VAL E 215 -17.65 30.03 -11.08
C VAL E 215 -17.16 31.47 -10.99
N ASP E 216 -18.06 32.42 -11.26
CA ASP E 216 -17.73 33.84 -11.19
C ASP E 216 -17.77 34.34 -9.75
N ASP F 1 -10.15 -16.97 14.31
CA ASP F 1 -9.21 -15.86 14.13
C ASP F 1 -8.85 -15.23 15.47
N ILE F 2 -7.68 -14.59 15.52
CA ILE F 2 -7.28 -13.85 16.70
C ILE F 2 -8.06 -12.54 16.73
N GLN F 3 -8.67 -12.25 17.88
CA GLN F 3 -9.47 -11.05 18.04
C GLN F 3 -8.61 -9.91 18.55
N MET F 4 -8.67 -8.76 17.88
CA MET F 4 -7.93 -7.58 18.26
C MET F 4 -8.91 -6.50 18.69
N THR F 5 -8.72 -5.97 19.90
CA THR F 5 -9.60 -4.96 20.47
C THR F 5 -8.78 -3.73 20.83
N GLN F 6 -9.29 -2.56 20.48
CA GLN F 6 -8.60 -1.30 20.74
C GLN F 6 -9.46 -0.44 21.66
N SER F 7 -8.84 0.12 22.70
CA SER F 7 -9.54 0.93 23.69
C SER F 7 -8.81 2.26 23.84
N PRO F 8 -9.51 3.40 23.75
CA PRO F 8 -10.96 3.46 23.48
C PRO F 8 -11.26 3.46 21.99
N SER F 9 -12.55 3.38 21.63
CA SER F 9 -12.92 3.47 20.23
C SER F 9 -12.73 4.87 19.68
N SER F 10 -12.92 5.89 20.52
CA SER F 10 -12.75 7.28 20.13
C SER F 10 -12.02 8.02 21.24
N LEU F 11 -11.20 9.00 20.85
CA LEU F 11 -10.40 9.74 21.81
C LEU F 11 -10.24 11.17 21.34
N SER F 12 -10.30 12.12 22.28
CA SER F 12 -10.04 13.52 22.03
C SER F 12 -9.00 14.01 23.02
N ALA F 13 -7.91 14.57 22.52
CA ALA F 13 -6.81 15.03 23.35
C ALA F 13 -6.33 16.39 22.87
N SER F 14 -5.76 17.15 23.81
CA SER F 14 -5.23 18.47 23.49
C SER F 14 -3.90 18.35 22.75
N LEU F 15 -3.51 19.44 22.11
CA LEU F 15 -2.21 19.47 21.45
C LEU F 15 -1.09 19.47 22.47
N GLY F 16 0.02 18.84 22.12
CA GLY F 16 1.13 18.67 23.04
C GLY F 16 0.91 17.62 24.11
N ASP F 17 -0.30 17.07 24.21
CA ASP F 17 -0.57 15.99 25.16
C ASP F 17 0.17 14.72 24.74
N ARG F 18 0.35 13.82 25.71
CA ARG F 18 0.87 12.49 25.46
C ARG F 18 -0.31 11.54 25.23
N VAL F 19 -0.40 11.00 24.02
CA VAL F 19 -1.51 10.13 23.64
C VAL F 19 -1.06 8.69 23.74
N THR F 20 -1.96 7.82 24.21
CA THR F 20 -1.69 6.40 24.32
C THR F 20 -2.96 5.63 23.97
N ILE F 21 -2.88 4.80 22.95
CA ILE F 21 -4.00 3.95 22.53
C ILE F 21 -3.61 2.50 22.77
N SER F 22 -4.57 1.72 23.25
CA SER F 22 -4.32 0.33 23.64
C SER F 22 -4.82 -0.63 22.56
N CYS F 23 -4.21 -1.80 22.52
CA CYS F 23 -4.59 -2.86 21.58
C CYS F 23 -4.35 -4.20 22.27
N SER F 24 -5.40 -4.98 22.44
CA SER F 24 -5.32 -6.25 23.13
C SER F 24 -5.76 -7.38 22.21
N ALA F 25 -5.06 -8.49 22.28
CA ALA F 25 -5.36 -9.68 21.49
C ALA F 25 -6.01 -10.75 22.35
N SER F 26 -6.87 -11.55 21.73
CA SER F 26 -7.52 -12.65 22.43
C SER F 26 -6.53 -13.72 22.89
N GLN F 27 -5.34 -13.76 22.30
CA GLN F 27 -4.31 -14.70 22.71
C GLN F 27 -2.96 -14.05 22.49
N GLY F 28 -1.93 -14.63 23.11
CA GLY F 28 -0.58 -14.10 22.95
C GLY F 28 -0.14 -14.14 21.50
N ILE F 29 0.46 -13.04 21.04
CA ILE F 29 0.89 -12.90 19.66
C ILE F 29 2.39 -12.66 19.55
N SER F 30 3.11 -12.72 20.66
CA SER F 30 4.58 -12.73 20.66
C SER F 30 5.16 -11.53 19.91
N ASN F 31 4.68 -10.33 20.26
CA ASN F 31 5.16 -9.07 19.71
C ASN F 31 5.02 -8.99 18.20
N TYR F 32 4.11 -9.75 17.62
CA TYR F 32 3.86 -9.70 16.17
C TYR F 32 2.68 -8.79 15.89
N LEU F 33 2.91 -7.48 16.05
CA LEU F 33 1.86 -6.48 15.91
C LEU F 33 2.39 -5.26 15.20
N ASN F 34 1.59 -4.72 14.28
CA ASN F 34 1.92 -3.53 13.52
C ASN F 34 0.90 -2.44 13.81
N TRP F 35 1.32 -1.18 13.62
CA TRP F 35 0.45 -0.02 13.81
C TRP F 35 0.34 0.75 12.49
N TYR F 36 -0.89 1.10 12.13
CA TYR F 36 -1.16 1.84 10.90
C TYR F 36 -1.98 3.09 11.22
N GLN F 37 -1.82 4.11 10.39
CA GLN F 37 -2.53 5.38 10.54
C GLN F 37 -3.33 5.63 9.27
N GLN F 38 -4.64 5.84 9.43
CA GLN F 38 -5.53 6.15 8.31
C GLN F 38 -5.99 7.59 8.44
N LYS F 39 -5.53 8.44 7.53
CA LYS F 39 -5.94 9.83 7.50
C LYS F 39 -7.42 9.93 7.12
N PRO F 40 -8.07 11.05 7.46
CA PRO F 40 -9.51 11.18 7.14
C PRO F 40 -9.83 11.08 5.66
N ASP F 41 -8.86 11.27 4.77
CA ASP F 41 -9.10 11.14 3.34
C ASP F 41 -8.89 9.72 2.82
N GLY F 42 -8.60 8.77 3.70
CA GLY F 42 -8.45 7.37 3.32
C GLY F 42 -7.02 6.88 3.23
N THR F 43 -6.03 7.78 3.22
CA THR F 43 -4.64 7.38 3.09
C THR F 43 -4.20 6.57 4.30
N VAL F 44 -3.57 5.42 4.04
CA VAL F 44 -3.07 4.52 5.07
C VAL F 44 -1.57 4.38 4.91
N LYS F 45 -0.83 4.53 6.00
CA LYS F 45 0.61 4.34 5.99
C LYS F 45 1.02 3.55 7.23
N LEU F 46 2.17 2.90 7.12
CA LEU F 46 2.71 2.13 8.24
C LEU F 46 3.42 3.06 9.21
N LEU F 47 3.13 2.88 10.51
CA LEU F 47 3.81 3.64 11.55
C LEU F 47 4.91 2.83 12.20
N ILE F 48 4.58 1.66 12.75
CA ILE F 48 5.51 0.84 13.52
C ILE F 48 5.24 -0.63 13.19
N TYR F 49 6.30 -1.41 13.06
CA TYR F 49 6.19 -2.85 12.89
C TYR F 49 7.01 -3.56 13.97
N TYR F 50 6.67 -4.82 14.22
CA TYR F 50 7.26 -5.62 15.29
C TYR F 50 7.12 -4.93 16.65
N THR F 51 6.07 -4.11 16.79
CA THR F 51 5.58 -3.49 18.01
C THR F 51 6.45 -2.36 18.55
N SER F 52 7.68 -2.20 18.04
CA SER F 52 8.49 -1.08 18.47
C SER F 52 9.37 -0.47 17.39
N THR F 53 9.41 -1.04 16.18
CA THR F 53 10.35 -0.59 15.16
C THR F 53 9.70 0.47 14.29
N LEU F 54 10.25 1.68 14.33
CA LEU F 54 9.70 2.81 13.61
C LEU F 54 9.98 2.69 12.12
N HIS F 55 8.93 2.75 11.31
CA HIS F 55 9.10 2.73 9.87
C HIS F 55 9.82 3.98 9.39
N SER F 56 10.57 3.84 8.31
CA SER F 56 11.36 4.95 7.80
C SER F 56 10.48 6.13 7.43
N GLY F 57 10.84 7.32 7.90
CA GLY F 57 10.10 8.53 7.63
C GLY F 57 9.05 8.89 8.66
N VAL F 58 8.67 7.96 9.51
CA VAL F 58 7.67 8.25 10.56
C VAL F 58 8.31 9.17 11.60
N PRO F 59 7.62 10.23 12.03
CA PRO F 59 8.21 11.12 13.04
C PRO F 59 8.55 10.37 14.31
N SER F 60 9.62 10.83 14.97
CA SER F 60 10.14 10.17 16.16
C SER F 60 9.21 10.26 17.36
N ARG F 61 8.13 11.03 17.27
CA ARG F 61 7.17 11.11 18.38
C ARG F 61 6.24 9.91 18.45
N PHE F 62 6.29 9.01 17.46
CA PHE F 62 5.55 7.76 17.52
C PHE F 62 6.43 6.67 18.12
N SER F 63 5.84 5.89 19.02
CA SER F 63 6.56 4.80 19.66
C SER F 63 5.56 3.75 20.12
N GLY F 64 5.99 2.48 20.06
CA GLY F 64 5.15 1.38 20.48
C GLY F 64 5.87 0.51 21.50
N SER F 65 5.07 -0.18 22.30
CA SER F 65 5.59 -1.06 23.33
C SER F 65 4.53 -2.10 23.67
N GLY F 66 4.92 -3.05 24.51
CA GLY F 66 4.04 -4.09 24.97
C GLY F 66 4.59 -5.49 24.69
N SER F 67 3.92 -6.47 25.29
CA SER F 67 4.29 -7.85 25.12
C SER F 67 3.09 -8.72 25.48
N GLY F 68 3.15 -9.99 25.08
CA GLY F 68 2.08 -10.91 25.39
C GLY F 68 0.80 -10.60 24.63
N THR F 69 -0.21 -10.09 25.33
CA THR F 69 -1.51 -9.80 24.74
C THR F 69 -1.85 -8.32 24.76
N ASP F 70 -0.99 -7.46 25.31
CA ASP F 70 -1.31 -6.05 25.52
C ASP F 70 -0.23 -5.17 24.92
N TYR F 71 -0.62 -4.31 23.98
CA TYR F 71 0.30 -3.44 23.28
C TYR F 71 -0.31 -2.05 23.19
N THR F 72 0.56 -1.04 23.07
CA THR F 72 0.14 0.35 23.02
C THR F 72 0.92 1.10 21.95
N LEU F 73 0.31 2.17 21.46
CA LEU F 73 0.97 3.11 20.55
C LEU F 73 0.97 4.48 21.22
N THR F 74 2.14 5.11 21.27
CA THR F 74 2.35 6.33 22.03
C THR F 74 2.71 7.49 21.11
N ILE F 75 1.95 8.58 21.20
CA ILE F 75 2.32 9.85 20.60
C ILE F 75 2.80 10.76 21.73
N SER F 76 4.08 11.12 21.70
CA SER F 76 4.66 11.87 22.82
C SER F 76 4.15 13.31 22.85
N SER F 77 3.97 13.93 21.69
CA SER F 77 3.48 15.31 21.61
C SER F 77 2.48 15.38 20.45
N LEU F 78 1.20 15.50 20.79
CA LEU F 78 0.16 15.49 19.75
C LEU F 78 0.30 16.70 18.85
N GLN F 79 0.23 16.45 17.54
CA GLN F 79 0.33 17.47 16.51
C GLN F 79 -0.97 17.58 15.73
N PRO F 80 -1.24 18.73 15.11
CA PRO F 80 -2.50 18.87 14.35
C PRO F 80 -2.65 17.86 13.23
N GLU F 81 -1.54 17.46 12.58
CA GLU F 81 -1.62 16.52 11.47
C GLU F 81 -1.77 15.07 11.92
N ASP F 82 -1.89 14.82 13.22
CA ASP F 82 -2.09 13.47 13.73
C ASP F 82 -3.57 13.08 13.79
N ILE F 83 -4.47 13.94 13.33
CA ILE F 83 -5.89 13.62 13.29
C ILE F 83 -6.10 12.47 12.31
N ALA F 84 -6.47 11.30 12.82
CA ALA F 84 -6.58 10.11 11.99
C ALA F 84 -7.16 8.98 12.84
N THR F 85 -7.43 7.87 12.17
CA THR F 85 -7.79 6.62 12.82
C THR F 85 -6.55 5.72 12.84
N TYR F 86 -6.34 5.03 13.96
CA TYR F 86 -5.14 4.22 14.17
C TYR F 86 -5.54 2.77 14.37
N TYR F 87 -5.00 1.88 13.55
CA TYR F 87 -5.32 0.46 13.58
C TYR F 87 -4.09 -0.35 13.97
N CYS F 88 -4.28 -1.32 14.86
CA CYS F 88 -3.27 -2.33 15.13
C CYS F 88 -3.56 -3.59 14.33
N GLN F 89 -2.51 -4.34 14.03
CA GLN F 89 -2.62 -5.49 13.14
C GLN F 89 -1.66 -6.57 13.61
N GLN F 90 -2.18 -7.76 13.87
CA GLN F 90 -1.37 -8.90 14.30
C GLN F 90 -1.02 -9.78 13.11
N TYR F 91 0.19 -10.33 13.13
CA TYR F 91 0.60 -11.29 12.12
C TYR F 91 1.18 -12.55 12.77
N SER F 92 0.66 -12.89 13.97
CA SER F 92 1.07 -14.14 14.61
C SER F 92 0.50 -15.34 13.89
N LYS F 93 -0.77 -15.29 13.53
CA LYS F 93 -1.46 -16.39 12.87
C LYS F 93 -2.30 -15.86 11.72
N LEU F 94 -2.29 -16.59 10.61
CA LEU F 94 -3.20 -16.28 9.52
C LEU F 94 -4.61 -16.75 9.87
N PRO F 95 -5.65 -16.02 9.42
CA PRO F 95 -5.55 -14.77 8.66
C PRO F 95 -5.23 -13.58 9.54
N TRP F 96 -4.38 -12.67 9.04
CA TRP F 96 -4.01 -11.49 9.80
C TRP F 96 -5.23 -10.62 10.06
N THR F 97 -5.40 -10.19 11.31
CA THR F 97 -6.59 -9.45 11.73
C THR F 97 -6.19 -8.08 12.23
N PHE F 98 -7.02 -7.08 11.93
CA PHE F 98 -6.85 -5.72 12.40
C PHE F 98 -7.71 -5.49 13.64
N GLY F 99 -7.30 -4.50 14.44
CA GLY F 99 -8.14 -4.01 15.51
C GLY F 99 -9.26 -3.14 14.97
N GLY F 100 -10.18 -2.78 15.87
CA GLY F 100 -11.29 -1.93 15.49
C GLY F 100 -10.91 -0.49 15.22
N GLY F 101 -9.70 -0.08 15.58
CA GLY F 101 -9.26 1.28 15.33
C GLY F 101 -9.74 2.27 16.38
N THR F 102 -8.88 3.23 16.73
CA THR F 102 -9.24 4.31 17.63
C THR F 102 -9.24 5.61 16.85
N LYS F 103 -10.39 6.28 16.80
CA LYS F 103 -10.50 7.55 16.10
C LYS F 103 -9.97 8.66 17.01
N LEU F 104 -9.00 9.42 16.51
CA LEU F 104 -8.37 10.48 17.27
C LEU F 104 -8.85 11.83 16.77
N GLU F 105 -9.37 12.65 17.68
CA GLU F 105 -9.73 14.03 17.40
C GLU F 105 -9.00 14.94 18.38
N ILE F 106 -8.87 16.21 18.01
CA ILE F 106 -8.03 17.15 18.74
C ILE F 106 -8.90 18.25 19.34
N LYS F 107 -8.72 18.50 20.63
CA LYS F 107 -9.36 19.62 21.30
C LYS F 107 -8.57 20.91 21.08
N ARG F 108 -9.28 22.02 21.02
CA ARG F 108 -8.66 23.32 20.84
C ARG F 108 -9.61 24.40 21.32
N THR F 109 -9.13 25.64 21.30
CA THR F 109 -9.93 26.76 21.76
C THR F 109 -11.10 27.01 20.82
N VAL F 110 -12.08 27.78 21.31
CA VAL F 110 -13.32 28.01 20.57
C VAL F 110 -13.03 28.81 19.31
N ALA F 111 -13.73 28.48 18.23
CA ALA F 111 -13.60 29.18 16.96
C ALA F 111 -14.98 29.35 16.35
N ALA F 112 -15.33 30.60 16.03
CA ALA F 112 -16.67 30.91 15.53
C ALA F 112 -16.76 30.65 14.03
N PRO F 113 -17.90 30.16 13.55
CA PRO F 113 -18.04 29.90 12.11
C PRO F 113 -18.21 31.19 11.31
N SER F 114 -17.77 31.13 10.06
CA SER F 114 -18.01 32.19 9.09
C SER F 114 -19.11 31.72 8.14
N VAL F 115 -20.24 32.42 8.14
CA VAL F 115 -21.45 31.97 7.47
C VAL F 115 -21.54 32.59 6.08
N PHE F 116 -22.01 31.79 5.11
CA PHE F 116 -22.27 32.27 3.76
C PHE F 116 -23.53 31.58 3.24
N ILE F 117 -24.20 32.22 2.29
CA ILE F 117 -25.39 31.69 1.67
C ILE F 117 -25.26 31.84 0.16
N PHE F 118 -25.90 30.94 -0.58
CA PHE F 118 -25.74 30.86 -2.03
C PHE F 118 -27.11 30.72 -2.68
N PRO F 119 -27.47 31.63 -3.58
CA PRO F 119 -28.77 31.51 -4.26
C PRO F 119 -28.73 30.37 -5.25
N PRO F 120 -29.87 29.74 -5.53
CA PRO F 120 -29.93 28.69 -6.56
C PRO F 120 -29.46 29.21 -7.90
N SER F 121 -28.58 28.43 -8.53
CA SER F 121 -27.99 28.83 -9.80
C SER F 121 -29.06 28.89 -10.89
N ASP F 122 -28.93 29.90 -11.75
CA ASP F 122 -29.88 30.07 -12.86
C ASP F 122 -29.93 28.83 -13.74
N GLU F 123 -28.78 28.19 -13.96
CA GLU F 123 -28.76 26.95 -14.72
C GLU F 123 -29.57 25.86 -14.03
N GLN F 124 -29.49 25.79 -12.70
CA GLN F 124 -30.28 24.81 -11.96
C GLN F 124 -31.77 25.14 -12.00
N LEU F 125 -32.11 26.43 -12.03
CA LEU F 125 -33.52 26.81 -12.15
C LEU F 125 -34.13 26.30 -13.45
N LYS F 126 -33.35 26.32 -14.53
CA LYS F 126 -33.86 25.83 -15.81
C LYS F 126 -34.21 24.35 -15.73
N SER F 127 -33.46 23.58 -14.94
CA SER F 127 -33.75 22.16 -14.80
C SER F 127 -35.13 21.93 -14.20
N GLY F 128 -35.42 22.59 -13.08
CA GLY F 128 -36.70 22.39 -12.42
C GLY F 128 -36.63 22.34 -10.91
N THR F 129 -35.43 22.41 -10.34
CA THR F 129 -35.25 22.34 -8.89
C THR F 129 -34.37 23.50 -8.44
N ALA F 130 -34.52 23.87 -7.17
CA ALA F 130 -33.76 24.95 -6.57
C ALA F 130 -33.09 24.46 -5.29
N SER F 131 -31.78 24.67 -5.19
CA SER F 131 -31.01 24.31 -4.01
C SER F 131 -30.26 25.54 -3.52
N VAL F 132 -30.55 25.96 -2.29
CA VAL F 132 -29.87 27.07 -1.65
C VAL F 132 -28.98 26.52 -0.55
N VAL F 133 -27.72 26.97 -0.51
CA VAL F 133 -26.68 26.37 0.30
C VAL F 133 -26.22 27.36 1.35
N CYS F 134 -26.05 26.88 2.58
CA CYS F 134 -25.52 27.66 3.69
C CYS F 134 -24.22 27.02 4.15
N LEU F 135 -23.15 27.82 4.22
CA LEU F 135 -21.81 27.33 4.53
C LEU F 135 -21.37 27.83 5.90
N LEU F 136 -20.94 26.90 6.75
CA LEU F 136 -20.33 27.22 8.04
C LEU F 136 -18.88 26.82 7.97
N ASN F 137 -17.97 27.79 8.16
CA ASN F 137 -16.58 27.64 7.76
C ASN F 137 -15.67 27.71 8.98
N ASN F 138 -14.90 26.64 9.20
CA ASN F 138 -13.78 26.60 10.14
C ASN F 138 -14.20 27.03 11.55
N PHE F 139 -15.06 26.21 12.15
CA PHE F 139 -15.57 26.45 13.49
C PHE F 139 -15.18 25.29 14.41
N TYR F 140 -15.24 25.56 15.72
CA TYR F 140 -14.99 24.57 16.75
C TYR F 140 -15.73 25.04 18.00
N PRO F 141 -16.40 24.13 18.74
CA PRO F 141 -16.51 22.69 18.49
C PRO F 141 -17.44 22.30 17.34
N ARG F 142 -17.64 20.99 17.17
CA ARG F 142 -18.42 20.49 16.05
C ARG F 142 -19.89 20.88 16.16
N GLU F 143 -20.39 21.10 17.37
CA GLU F 143 -21.81 21.38 17.58
C GLU F 143 -22.18 22.71 16.94
N ALA F 144 -23.12 22.68 16.00
CA ALA F 144 -23.59 23.88 15.32
C ALA F 144 -25.03 23.64 14.86
N LYS F 145 -25.86 24.66 15.03
CA LYS F 145 -27.28 24.59 14.68
C LYS F 145 -27.56 25.48 13.48
N VAL F 146 -28.15 24.90 12.44
CA VAL F 146 -28.51 25.61 11.22
C VAL F 146 -30.02 25.53 11.05
N GLN F 147 -30.67 26.68 10.91
CA GLN F 147 -32.12 26.76 10.76
C GLN F 147 -32.44 27.57 9.53
N TRP F 148 -33.16 26.96 8.59
CA TRP F 148 -33.59 27.64 7.38
C TRP F 148 -34.93 28.32 7.61
N LYS F 149 -35.05 29.55 7.12
CA LYS F 149 -36.30 30.31 7.18
C LYS F 149 -36.56 30.95 5.82
N VAL F 150 -37.78 30.79 5.32
CA VAL F 150 -38.19 31.34 4.03
C VAL F 150 -39.35 32.28 4.30
N ASP F 151 -39.13 33.58 4.06
CA ASP F 151 -40.08 34.64 4.44
C ASP F 151 -40.42 34.56 5.92
N ASN F 152 -39.38 34.40 6.74
CA ASN F 152 -39.42 34.28 8.20
C ASN F 152 -40.12 33.02 8.68
N ALA F 153 -40.55 32.13 7.78
CA ALA F 153 -41.19 30.88 8.18
C ALA F 153 -40.11 29.80 8.33
N LEU F 154 -39.99 29.28 9.55
CA LEU F 154 -38.95 28.27 9.82
C LEU F 154 -39.24 26.99 9.04
N GLN F 155 -38.21 26.48 8.37
CA GLN F 155 -38.33 25.28 7.56
C GLN F 155 -37.98 24.04 8.39
N SER F 156 -38.40 22.89 7.88
CA SER F 156 -38.13 21.61 8.53
C SER F 156 -38.40 20.48 7.53
N GLY F 157 -37.52 19.48 7.53
CA GLY F 157 -37.70 18.31 6.70
C GLY F 157 -37.29 18.46 5.25
N ASN F 158 -36.68 19.60 4.88
CA ASN F 158 -36.29 19.82 3.49
C ASN F 158 -34.82 20.24 3.38
N SER F 159 -34.00 19.89 4.36
CA SER F 159 -32.59 20.24 4.35
C SER F 159 -31.76 19.05 4.80
N GLN F 160 -30.52 18.99 4.31
CA GLN F 160 -29.58 17.95 4.68
C GLN F 160 -28.24 18.58 5.02
N GLU F 161 -27.65 18.16 6.14
CA GLU F 161 -26.36 18.66 6.56
C GLU F 161 -25.23 17.75 6.08
N SER F 162 -24.01 18.25 6.19
CA SER F 162 -22.81 17.50 5.86
C SER F 162 -21.64 18.21 6.50
N VAL F 163 -20.80 17.48 7.22
CA VAL F 163 -19.71 18.04 8.00
C VAL F 163 -18.40 17.44 7.53
N THR F 164 -17.40 18.29 7.32
CA THR F 164 -16.06 17.81 7.04
C THR F 164 -15.44 17.20 8.29
N GLU F 165 -14.41 16.39 8.10
CA GLU F 165 -13.64 15.92 9.23
C GLU F 165 -12.74 17.05 9.76
N GLN F 166 -12.13 16.81 10.91
CA GLN F 166 -11.30 17.83 11.53
C GLN F 166 -10.13 18.19 10.64
N ASP F 167 -9.93 19.49 10.43
CA ASP F 167 -8.90 19.95 9.50
C ASP F 167 -7.50 19.64 10.05
N SER F 168 -6.60 19.25 9.15
CA SER F 168 -5.26 18.85 9.55
C SER F 168 -4.42 20.00 10.08
N LYS F 169 -4.85 21.25 9.91
CA LYS F 169 -4.09 22.41 10.36
C LYS F 169 -4.81 23.17 11.47
N ASP F 170 -6.05 23.59 11.23
CA ASP F 170 -6.77 24.42 12.20
C ASP F 170 -7.48 23.61 13.27
N SER F 171 -7.59 22.29 13.09
CA SER F 171 -8.40 21.43 13.97
C SER F 171 -9.86 21.88 13.99
N THR F 172 -10.34 22.39 12.87
CA THR F 172 -11.68 22.93 12.75
C THR F 172 -12.53 22.09 11.81
N TYR F 173 -13.85 22.24 11.95
CA TYR F 173 -14.81 21.59 11.08
C TYR F 173 -15.43 22.62 10.14
N SER F 174 -16.03 22.11 9.06
CA SER F 174 -16.84 22.91 8.16
C SER F 174 -18.12 22.16 7.87
N LEU F 175 -19.19 22.90 7.59
CA LEU F 175 -20.51 22.32 7.44
C LEU F 175 -21.23 22.95 6.26
N SER F 176 -21.94 22.12 5.50
CA SER F 176 -22.76 22.56 4.38
C SER F 176 -24.18 22.07 4.58
N SER F 177 -25.12 23.01 4.66
CA SER F 177 -26.55 22.69 4.73
C SER F 177 -27.19 23.08 3.41
N THR F 178 -27.90 22.13 2.80
CA THR F 178 -28.51 22.32 1.49
C THR F 178 -30.02 22.23 1.63
N LEU F 179 -30.71 23.32 1.32
CA LEU F 179 -32.16 23.37 1.31
C LEU F 179 -32.64 23.20 -0.12
N THR F 180 -33.44 22.16 -0.37
CA THR F 180 -33.89 21.81 -1.71
C THR F 180 -35.39 22.08 -1.82
N LEU F 181 -35.76 22.89 -2.81
CA LEU F 181 -37.16 23.19 -3.10
C LEU F 181 -37.38 23.10 -4.60
N SER F 182 -38.63 22.85 -4.98
CA SER F 182 -38.99 22.87 -6.39
C SER F 182 -38.92 24.31 -6.92
N LYS F 183 -38.83 24.43 -8.24
CA LYS F 183 -38.68 25.75 -8.85
C LYS F 183 -39.87 26.64 -8.56
N ALA F 184 -41.09 26.09 -8.66
CA ALA F 184 -42.29 26.89 -8.43
C ALA F 184 -42.35 27.40 -6.99
N ASP F 185 -41.99 26.55 -6.03
CA ASP F 185 -42.00 26.97 -4.63
C ASP F 185 -40.92 28.01 -4.34
N TYR F 186 -39.82 27.99 -5.10
CA TYR F 186 -38.74 28.93 -4.86
C TYR F 186 -39.12 30.35 -5.26
N GLU F 187 -39.89 30.49 -6.34
CA GLU F 187 -40.23 31.81 -6.86
C GLU F 187 -41.38 32.49 -6.12
N LYS F 188 -42.10 31.76 -5.26
CA LYS F 188 -43.18 32.38 -4.50
C LYS F 188 -42.66 33.35 -3.45
N HIS F 189 -41.49 33.08 -2.89
CA HIS F 189 -40.95 33.83 -1.78
C HIS F 189 -39.76 34.69 -2.22
N LYS F 190 -39.37 35.61 -1.34
CA LYS F 190 -38.34 36.59 -1.67
C LYS F 190 -37.08 36.43 -0.83
N VAL F 191 -37.19 36.44 0.50
CA VAL F 191 -36.03 36.45 1.38
C VAL F 191 -35.75 35.03 1.86
N TYR F 192 -34.51 34.58 1.66
CA TYR F 192 -34.04 33.28 2.11
C TYR F 192 -32.88 33.47 3.07
N ALA F 193 -32.92 32.80 4.22
CA ALA F 193 -31.94 33.00 5.26
C ALA F 193 -31.65 31.70 5.98
N CYS F 194 -30.43 31.59 6.50
CA CYS F 194 -30.04 30.50 7.40
C CYS F 194 -29.49 31.10 8.68
N GLU F 195 -30.03 30.69 9.82
CA GLU F 195 -29.62 31.20 11.13
C GLU F 195 -28.69 30.19 11.78
N VAL F 196 -27.50 30.63 12.15
CA VAL F 196 -26.47 29.77 12.72
C VAL F 196 -26.35 30.08 14.20
N THR F 197 -26.40 29.03 15.03
CA THR F 197 -26.22 29.13 16.47
C THR F 197 -24.98 28.33 16.85
N HIS F 198 -24.05 28.98 17.56
CA HIS F 198 -22.78 28.34 17.88
C HIS F 198 -22.26 28.85 19.22
N GLN F 199 -21.39 28.05 19.83
CA GLN F 199 -20.80 28.41 21.12
C GLN F 199 -19.95 29.67 21.01
N GLY F 200 -19.23 29.82 19.90
CA GLY F 200 -18.44 31.01 19.65
C GLY F 200 -19.22 32.21 19.15
N LEU F 201 -20.54 32.07 19.00
CA LEU F 201 -21.40 33.16 18.60
C LEU F 201 -22.18 33.66 19.82
N SER F 202 -21.99 34.93 20.18
CA SER F 202 -22.69 35.50 21.32
C SER F 202 -24.20 35.41 21.12
N SER F 203 -24.66 35.69 19.92
CA SER F 203 -26.07 35.55 19.54
C SER F 203 -26.10 34.99 18.13
N PRO F 204 -27.19 34.32 17.75
CA PRO F 204 -27.25 33.71 16.41
C PRO F 204 -27.01 34.72 15.30
N VAL F 205 -26.28 34.26 14.27
CA VAL F 205 -25.91 35.08 13.13
C VAL F 205 -26.68 34.57 11.91
N THR F 206 -27.43 35.47 11.28
CA THR F 206 -28.26 35.13 10.12
C THR F 206 -27.69 35.80 8.87
N LYS F 207 -27.55 35.01 7.81
CA LYS F 207 -27.15 35.51 6.50
C LYS F 207 -28.30 35.26 5.53
N SER F 208 -28.64 36.28 4.75
CA SER F 208 -29.83 36.23 3.91
C SER F 208 -29.57 36.89 2.56
N PHE F 209 -30.39 36.52 1.59
CA PHE F 209 -30.42 37.16 0.28
C PHE F 209 -31.87 37.25 -0.19
N ASN F 210 -32.13 38.20 -1.06
CA ASN F 210 -33.45 38.37 -1.66
C ASN F 210 -33.45 37.83 -3.07
N ARG F 211 -34.41 36.96 -3.37
CA ARG F 211 -34.50 36.34 -4.69
C ARG F 211 -34.76 37.39 -5.75
N GLY F 212 -34.07 37.27 -6.88
CA GLY F 212 -34.21 38.19 -7.99
C GLY F 212 -33.09 39.19 -8.15
N GLU F 213 -32.08 39.14 -7.29
CA GLU F 213 -30.96 40.08 -7.36
C GLU F 213 -29.67 39.37 -7.72
C1 NAG G . -21.83 -68.81 -12.83
C2 NAG G . -23.34 -68.78 -13.10
C3 NAG G . -23.80 -70.10 -13.73
C4 NAG G . -22.94 -70.42 -14.94
C5 NAG G . -21.46 -70.37 -14.58
C6 NAG G . -20.55 -70.60 -15.76
C7 NAG G . -25.38 -68.10 -11.90
C8 NAG G . -26.00 -67.86 -10.56
N2 NAG G . -24.10 -68.49 -11.89
O3 NAG G . -25.17 -70.00 -14.13
O4 NAG G . -23.26 -71.71 -15.48
O5 NAG G . -21.14 -69.08 -14.04
O6 NAG G . -19.40 -69.77 -15.67
O7 NAG G . -26.01 -67.94 -12.96
C1 NAG H . -52.74 20.20 76.67
C2 NAG H . -52.65 19.36 77.95
C3 NAG H . -52.69 20.24 79.20
C4 NAG H . -51.70 21.40 79.09
C5 NAG H . -51.95 22.15 77.79
C6 NAG H . -51.01 23.30 77.58
C7 NAG H . -53.55 17.11 78.42
C8 NAG H . -52.16 16.73 78.83
N2 NAG H . -53.71 18.36 78.00
O3 NAG H . -52.35 19.46 80.34
O4 NAG H . -51.85 22.29 80.19
O5 NAG H . -51.76 21.24 76.69
O6 NAG H . -51.07 23.78 76.24
O7 NAG H . -54.48 16.31 78.45
C1 GOL I . -8.90 -10.15 8.00
O1 GOL I . -8.45 -11.47 7.94
C2 GOL I . -9.31 -9.85 9.45
O2 GOL I . -10.48 -10.50 9.80
C3 GOL I . -9.41 -8.31 9.54
O3 GOL I . -9.76 -8.02 10.85
#